data_1HKN
#
_entry.id   1HKN
#
_cell.length_a   96.530
_cell.length_b   47.210
_cell.length_c   97.840
_cell.angle_alpha   90.00
_cell.angle_beta   107.04
_cell.angle_gamma   90.00
#
_symmetry.space_group_name_H-M   'P 1 2 1'
#
loop_
_entity.id
_entity.type
_entity.pdbx_description
1 polymer 'HEPARIN-BINDING GROWTH FACTOR 1'
2 non-polymer 5-AMINO-NAPHTALENE-2-MONOSULFONATE
3 water water
#
_entity_poly.entity_id   1
_entity_poly.type   'polypeptide(L)'
_entity_poly.pdbx_seq_one_letter_code
;NLPPGNYKKPKLLYCSNGGHFLRILPDGTVDGTRDRSDQHIQLQLSAESVGEVYIKSTETGQYLAMDTDGLLYGSQTPNE
ECLFLERLEENHYNTYISKKHAEKNWFVGLKKNGSCKRGPRTHYGQKAILFLPLPVSSD
;
_entity_poly.pdbx_strand_id   A,B,C,D,E,F
#
loop_
_chem_comp.id
_chem_comp.type
_chem_comp.name
_chem_comp.formula
N2M non-polymer 5-AMINO-NAPHTALENE-2-MONOSULFONATE 'C10 H9 N O3 S'
#
# COMPACT_ATOMS: atom_id res chain seq x y z
N LYS A 9 -6.40 -18.04 -10.56
CA LYS A 9 -6.43 -17.71 -9.10
C LYS A 9 -5.68 -16.40 -8.85
N PRO A 10 -6.15 -15.60 -7.88
CA PRO A 10 -5.52 -14.33 -7.56
C PRO A 10 -4.09 -14.53 -7.03
N LYS A 11 -3.32 -13.45 -7.00
CA LYS A 11 -1.97 -13.54 -6.48
C LYS A 11 -1.40 -12.18 -6.10
N LEU A 12 -0.33 -12.22 -5.32
CA LEU A 12 0.34 -11.01 -4.91
C LEU A 12 1.57 -10.92 -5.78
N LEU A 13 2.07 -9.71 -5.97
CA LEU A 13 3.27 -9.51 -6.75
C LEU A 13 4.23 -8.79 -5.82
N TYR A 14 5.19 -9.57 -5.33
CA TYR A 14 6.19 -9.09 -4.38
C TYR A 14 7.44 -8.57 -5.07
N CYS A 15 7.74 -7.29 -4.86
CA CYS A 15 8.91 -6.67 -5.46
C CYS A 15 10.10 -6.80 -4.50
N SER A 16 11.11 -7.54 -4.92
CA SER A 16 12.29 -7.76 -4.10
C SER A 16 13.10 -6.49 -3.80
N ASN A 17 12.90 -5.43 -4.57
CA ASN A 17 13.65 -4.20 -4.35
C ASN A 17 13.47 -3.72 -2.91
N GLY A 18 12.24 -3.41 -2.53
CA GLY A 18 12.01 -2.94 -1.18
C GLY A 18 11.16 -3.90 -0.37
N GLY A 19 10.81 -5.03 -0.97
CA GLY A 19 9.98 -6.00 -0.29
C GLY A 19 8.54 -5.52 -0.18
N HIS A 20 8.03 -4.94 -1.26
CA HIS A 20 6.66 -4.44 -1.28
C HIS A 20 5.75 -5.25 -2.19
N PHE A 21 4.48 -5.37 -1.81
CA PHE A 21 3.51 -6.06 -2.64
C PHE A 21 2.93 -4.96 -3.54
N LEU A 22 2.87 -5.23 -4.85
CA LEU A 22 2.36 -4.23 -5.78
C LEU A 22 0.90 -3.92 -5.39
N ARG A 23 0.58 -2.64 -5.33
CA ARG A 23 -0.75 -2.21 -4.94
C ARG A 23 -1.38 -1.20 -5.88
N ILE A 24 -2.66 -1.39 -6.19
CA ILE A 24 -3.38 -0.46 -7.04
C ILE A 24 -4.45 0.18 -6.15
N LEU A 25 -4.19 1.42 -5.75
CA LEU A 25 -5.09 2.16 -4.87
C LEU A 25 -6.38 2.62 -5.56
N PRO A 26 -7.42 2.88 -4.78
CA PRO A 26 -8.70 3.31 -5.35
C PRO A 26 -8.63 4.54 -6.22
N ASP A 27 -7.74 5.47 -5.89
CA ASP A 27 -7.63 6.70 -6.65
C ASP A 27 -6.88 6.54 -7.97
N GLY A 28 -6.52 5.31 -8.30
CA GLY A 28 -5.80 5.07 -9.55
C GLY A 28 -4.30 5.15 -9.45
N THR A 29 -3.79 5.42 -8.25
CA THR A 29 -2.36 5.48 -8.06
C THR A 29 -1.85 4.06 -7.85
N VAL A 30 -0.58 3.85 -8.17
CA VAL A 30 0.04 2.54 -8.00
C VAL A 30 1.32 2.69 -7.19
N ASP A 31 1.50 1.82 -6.21
CA ASP A 31 2.69 1.85 -5.37
C ASP A 31 2.86 0.46 -4.77
N GLY A 32 3.55 0.38 -3.65
CA GLY A 32 3.75 -0.89 -3.00
C GLY A 32 3.55 -0.76 -1.50
N THR A 33 3.22 -1.88 -0.85
CA THR A 33 3.05 -1.87 0.59
C THR A 33 3.51 -3.19 1.16
N ARG A 34 4.02 -3.16 2.39
CA ARG A 34 4.48 -4.37 3.04
C ARG A 34 3.35 -5.03 3.80
N ASP A 35 2.23 -4.32 3.94
CA ASP A 35 1.09 -4.87 4.64
C ASP A 35 0.37 -5.92 3.81
N ARG A 36 0.64 -7.18 4.12
CA ARG A 36 0.05 -8.31 3.42
C ARG A 36 -1.46 -8.36 3.58
N SER A 37 -1.99 -7.58 4.52
CA SER A 37 -3.43 -7.53 4.77
C SER A 37 -4.15 -6.48 3.93
N ASP A 38 -3.40 -5.69 3.17
CA ASP A 38 -4.00 -4.66 2.33
C ASP A 38 -4.96 -5.35 1.37
N GLN A 39 -6.12 -4.74 1.14
CA GLN A 39 -7.11 -5.34 0.25
C GLN A 39 -6.86 -5.02 -1.21
N HIS A 40 -5.98 -4.06 -1.46
CA HIS A 40 -5.67 -3.63 -2.82
C HIS A 40 -4.42 -4.25 -3.43
N ILE A 41 -3.93 -5.34 -2.85
CA ILE A 41 -2.74 -6.02 -3.37
C ILE A 41 -3.09 -7.38 -3.96
N GLN A 42 -4.36 -7.79 -3.86
CA GLN A 42 -4.80 -9.05 -4.42
C GLN A 42 -5.02 -8.80 -5.90
N LEU A 43 -4.13 -9.35 -6.72
CA LEU A 43 -4.20 -9.16 -8.14
C LEU A 43 -4.58 -10.43 -8.87
N GLN A 44 -5.34 -10.26 -9.94
CA GLN A 44 -5.78 -11.37 -10.74
C GLN A 44 -5.10 -11.22 -12.10
N LEU A 45 -4.25 -12.17 -12.46
CA LEU A 45 -3.59 -12.11 -13.75
C LEU A 45 -4.33 -13.02 -14.72
N SER A 46 -4.53 -12.53 -15.93
CA SER A 46 -5.19 -13.30 -16.97
C SER A 46 -4.35 -13.10 -18.21
N ALA A 47 -4.15 -14.16 -18.99
CA ALA A 47 -3.34 -14.07 -20.18
C ALA A 47 -4.17 -14.07 -21.46
N GLU A 48 -3.94 -13.05 -22.28
CA GLU A 48 -4.62 -12.93 -23.57
C GLU A 48 -3.88 -13.90 -24.48
N SER A 49 -2.57 -13.73 -24.55
CA SER A 49 -1.71 -14.59 -25.34
C SER A 49 -0.63 -15.10 -24.38
N VAL A 50 0.10 -16.13 -24.79
CA VAL A 50 1.14 -16.68 -23.94
C VAL A 50 2.17 -15.57 -23.67
N GLY A 51 2.44 -15.32 -22.39
CA GLY A 51 3.40 -14.29 -22.05
C GLY A 51 2.85 -12.88 -21.97
N GLU A 52 1.59 -12.70 -22.34
CA GLU A 52 0.95 -11.39 -22.28
C GLU A 52 -0.11 -11.46 -21.18
N VAL A 53 -0.12 -10.49 -20.27
CA VAL A 53 -1.11 -10.52 -19.21
C VAL A 53 -1.70 -9.17 -18.85
N TYR A 54 -2.87 -9.25 -18.24
CA TYR A 54 -3.57 -8.08 -17.72
C TYR A 54 -3.40 -8.33 -16.25
N ILE A 55 -3.22 -7.27 -15.48
CA ILE A 55 -3.04 -7.39 -14.04
C ILE A 55 -4.18 -6.57 -13.44
N LYS A 56 -5.11 -7.24 -12.79
CA LYS A 56 -6.29 -6.58 -12.24
C LYS A 56 -6.45 -6.69 -10.75
N SER A 57 -6.89 -5.59 -10.15
CA SER A 57 -7.16 -5.54 -8.72
C SER A 57 -8.50 -6.21 -8.54
N THR A 58 -8.54 -7.25 -7.73
CA THR A 58 -9.80 -7.95 -7.50
C THR A 58 -10.73 -7.07 -6.68
N GLU A 59 -10.16 -6.23 -5.83
CA GLU A 59 -10.93 -5.35 -4.96
C GLU A 59 -11.64 -4.22 -5.68
N THR A 60 -10.92 -3.46 -6.51
CA THR A 60 -11.54 -2.34 -7.23
C THR A 60 -11.83 -2.61 -8.71
N GLY A 61 -11.39 -3.75 -9.20
CA GLY A 61 -11.63 -4.09 -10.59
C GLY A 61 -10.74 -3.31 -11.55
N GLN A 62 -9.81 -2.52 -11.02
CA GLN A 62 -8.91 -1.73 -11.87
C GLN A 62 -7.81 -2.60 -12.49
N TYR A 63 -7.27 -2.14 -13.61
CA TYR A 63 -6.19 -2.85 -14.28
C TYR A 63 -4.91 -2.02 -14.18
N LEU A 64 -3.79 -2.70 -13.98
CA LEU A 64 -2.52 -2.00 -13.93
C LEU A 64 -2.26 -1.51 -15.35
N ALA A 65 -1.70 -0.31 -15.48
CA ALA A 65 -1.40 0.23 -16.81
C ALA A 65 -0.30 1.26 -16.72
N MET A 66 0.22 1.66 -17.88
CA MET A 66 1.28 2.66 -17.92
C MET A 66 0.96 3.62 -19.07
N ASP A 67 0.94 4.92 -18.79
CA ASP A 67 0.62 5.89 -19.83
C ASP A 67 1.79 6.19 -20.76
N THR A 68 1.57 7.05 -21.74
CA THR A 68 2.59 7.38 -22.74
C THR A 68 3.88 8.02 -22.21
N ASP A 69 3.92 8.32 -20.92
CA ASP A 69 5.12 8.92 -20.33
C ASP A 69 5.81 7.96 -19.37
N GLY A 70 5.31 6.72 -19.32
CA GLY A 70 5.91 5.72 -18.45
C GLY A 70 5.38 5.74 -17.02
N LEU A 71 4.28 6.45 -16.79
CA LEU A 71 3.70 6.51 -15.44
C LEU A 71 2.70 5.40 -15.21
N LEU A 72 2.88 4.67 -14.12
CA LEU A 72 1.98 3.59 -13.77
C LEU A 72 0.69 4.17 -13.22
N TYR A 73 -0.44 3.52 -13.53
CA TYR A 73 -1.72 3.98 -13.04
C TYR A 73 -2.74 2.86 -13.03
N GLY A 74 -3.84 3.08 -12.32
CA GLY A 74 -4.91 2.10 -12.26
C GLY A 74 -5.97 2.51 -13.26
N SER A 75 -6.21 1.66 -14.27
CA SER A 75 -7.20 1.95 -15.30
C SER A 75 -8.54 1.27 -14.97
N GLN A 76 -9.64 2.02 -15.01
CA GLN A 76 -10.94 1.46 -14.69
C GLN A 76 -11.49 0.60 -15.80
N THR A 77 -10.82 0.64 -16.95
CA THR A 77 -11.23 -0.18 -18.09
C THR A 77 -10.00 -0.79 -18.76
N PRO A 78 -10.15 -2.00 -19.30
CA PRO A 78 -9.02 -2.64 -19.97
C PRO A 78 -8.77 -2.01 -21.32
N ASN A 79 -7.52 -1.64 -21.59
CA ASN A 79 -7.15 -1.06 -22.87
C ASN A 79 -5.72 -1.52 -23.18
N GLU A 80 -5.20 -1.13 -24.33
CA GLU A 80 -3.86 -1.54 -24.74
C GLU A 80 -2.73 -1.11 -23.80
N GLU A 81 -2.98 -0.11 -22.95
CA GLU A 81 -1.96 0.33 -22.02
C GLU A 81 -1.91 -0.56 -20.79
N CYS A 82 -2.81 -1.55 -20.74
CA CYS A 82 -2.90 -2.49 -19.62
C CYS A 82 -2.24 -3.83 -19.93
N LEU A 83 -1.79 -4.01 -21.16
CA LEU A 83 -1.15 -5.26 -21.55
C LEU A 83 0.32 -5.25 -21.20
N PHE A 84 0.76 -6.28 -20.49
CA PHE A 84 2.15 -6.38 -20.08
C PHE A 84 2.75 -7.70 -20.52
N LEU A 85 4.02 -7.65 -20.89
CA LEU A 85 4.72 -8.87 -21.31
C LEU A 85 5.38 -9.45 -20.09
N GLU A 86 4.86 -10.59 -19.65
CA GLU A 86 5.38 -11.30 -18.49
C GLU A 86 6.60 -12.13 -18.91
N ARG A 87 7.74 -11.85 -18.31
CA ARG A 87 8.95 -12.57 -18.66
C ARG A 87 9.68 -13.06 -17.42
N LEU A 88 9.89 -14.37 -17.39
CA LEU A 88 10.59 -15.03 -16.30
C LEU A 88 12.07 -14.65 -16.35
N GLU A 89 12.67 -14.41 -15.18
CA GLU A 89 14.07 -14.07 -15.16
C GLU A 89 14.92 -15.18 -14.58
N GLU A 90 16.24 -15.06 -14.77
CA GLU A 90 17.20 -16.05 -14.29
C GLU A 90 16.95 -16.46 -12.83
N ASN A 91 16.62 -15.47 -12.01
CA ASN A 91 16.37 -15.69 -10.58
C ASN A 91 14.98 -16.29 -10.32
N HIS A 92 14.23 -16.48 -11.40
CA HIS A 92 12.88 -17.04 -11.34
C HIS A 92 11.80 -16.04 -10.92
N TYR A 93 12.16 -14.76 -10.91
CA TYR A 93 11.20 -13.71 -10.60
C TYR A 93 10.64 -13.33 -11.97
N ASN A 94 9.62 -12.49 -11.99
CA ASN A 94 9.03 -12.05 -13.24
C ASN A 94 9.24 -10.57 -13.46
N THR A 95 9.46 -10.17 -14.72
CA THR A 95 9.57 -8.77 -15.05
C THR A 95 8.32 -8.52 -15.88
N TYR A 96 7.75 -7.33 -15.76
CA TYR A 96 6.56 -6.99 -16.51
C TYR A 96 6.84 -5.77 -17.33
N ILE A 97 6.95 -5.94 -18.64
CA ILE A 97 7.23 -4.80 -19.48
C ILE A 97 5.97 -4.36 -20.21
N SER A 98 5.82 -3.06 -20.37
CA SER A 98 4.68 -2.51 -21.08
C SER A 98 4.74 -3.01 -22.51
N LYS A 99 3.67 -3.67 -22.96
CA LYS A 99 3.66 -4.16 -24.33
C LYS A 99 3.62 -2.96 -25.28
N LYS A 100 2.78 -1.97 -24.96
CA LYS A 100 2.69 -0.78 -25.80
C LYS A 100 4.03 -0.07 -25.96
N HIS A 101 4.82 -0.06 -24.89
CA HIS A 101 6.11 0.60 -24.93
C HIS A 101 7.27 -0.37 -24.75
N ALA A 102 7.07 -1.60 -25.21
CA ALA A 102 8.09 -2.63 -25.09
C ALA A 102 9.38 -2.22 -25.81
N GLU A 103 9.24 -1.54 -26.94
CA GLU A 103 10.41 -1.11 -27.69
C GLU A 103 11.21 -0.02 -26.98
N LYS A 104 10.71 0.39 -25.82
CA LYS A 104 11.39 1.41 -25.01
C LYS A 104 11.90 0.73 -23.73
N ASN A 105 11.56 -0.54 -23.55
CA ASN A 105 11.96 -1.29 -22.37
C ASN A 105 11.43 -0.64 -21.10
N TRP A 106 10.18 -0.19 -21.13
CA TRP A 106 9.57 0.42 -19.96
C TRP A 106 8.94 -0.67 -19.10
N PHE A 107 9.55 -0.93 -17.95
CA PHE A 107 9.09 -1.95 -17.02
C PHE A 107 8.23 -1.43 -15.89
N VAL A 108 7.51 -2.34 -15.27
CA VAL A 108 6.70 -2.02 -14.10
C VAL A 108 7.76 -2.10 -13.01
N GLY A 109 7.81 -1.10 -12.15
CA GLY A 109 8.82 -1.14 -11.10
C GLY A 109 8.47 -0.33 -9.87
N LEU A 110 9.02 -0.74 -8.74
CA LEU A 110 8.80 -0.05 -7.48
C LEU A 110 10.16 0.32 -6.89
N LYS A 111 10.24 1.53 -6.34
CA LYS A 111 11.47 2.00 -5.71
C LYS A 111 11.54 1.34 -4.35
N LYS A 112 12.71 1.41 -3.71
CA LYS A 112 12.89 0.81 -2.39
C LYS A 112 11.98 1.43 -1.34
N ASN A 113 11.43 2.60 -1.64
CA ASN A 113 10.54 3.27 -0.69
C ASN A 113 9.08 2.92 -0.97
N GLY A 114 8.86 2.02 -1.92
CA GLY A 114 7.51 1.59 -2.25
C GLY A 114 6.80 2.40 -3.31
N SER A 115 7.39 3.53 -3.71
CA SER A 115 6.80 4.37 -4.75
C SER A 115 7.05 3.76 -6.11
N CYS A 116 6.16 4.02 -7.05
CA CYS A 116 6.31 3.48 -8.38
C CYS A 116 7.48 4.17 -9.07
N LYS A 117 8.11 3.45 -9.98
CA LYS A 117 9.23 3.97 -10.73
C LYS A 117 8.68 4.27 -12.12
N ARG A 118 9.19 5.31 -12.77
CA ARG A 118 8.70 5.64 -14.11
C ARG A 118 9.38 4.74 -15.14
N GLY A 119 8.63 4.38 -16.17
CA GLY A 119 9.19 3.53 -17.22
C GLY A 119 10.58 3.90 -17.69
N PRO A 120 10.82 5.16 -18.04
CA PRO A 120 12.16 5.58 -18.50
C PRO A 120 13.26 5.50 -17.44
N ARG A 121 12.87 5.45 -16.17
CA ARG A 121 13.83 5.35 -15.08
C ARG A 121 14.13 3.89 -14.74
N THR A 122 13.56 2.98 -15.54
CA THR A 122 13.78 1.55 -15.33
C THR A 122 14.51 0.93 -16.51
N HIS A 123 15.16 -0.20 -16.25
CA HIS A 123 15.87 -0.95 -17.27
C HIS A 123 16.25 -2.30 -16.66
N TYR A 124 16.50 -3.30 -17.50
CA TYR A 124 16.86 -4.62 -16.99
C TYR A 124 18.04 -4.58 -16.04
N GLY A 125 18.09 -5.55 -15.13
CA GLY A 125 19.17 -5.62 -14.17
C GLY A 125 18.70 -5.05 -12.85
N GLN A 126 17.82 -4.07 -12.92
CA GLN A 126 17.27 -3.41 -11.73
C GLN A 126 16.48 -4.38 -10.87
N LYS A 127 16.58 -4.19 -9.56
CA LYS A 127 15.86 -5.03 -8.62
C LYS A 127 14.43 -4.50 -8.51
N ALA A 128 14.26 -3.26 -8.97
CA ALA A 128 12.96 -2.59 -8.96
C ALA A 128 11.93 -3.22 -9.90
N ILE A 129 12.40 -3.88 -10.95
CA ILE A 129 11.50 -4.49 -11.92
C ILE A 129 11.25 -5.99 -11.75
N LEU A 130 11.76 -6.57 -10.67
CA LEU A 130 11.59 -7.99 -10.44
C LEU A 130 10.47 -8.26 -9.45
N PHE A 131 9.48 -9.03 -9.88
CA PHE A 131 8.33 -9.36 -9.04
C PHE A 131 8.13 -10.84 -8.92
N LEU A 132 7.92 -11.30 -7.70
CA LEU A 132 7.67 -12.71 -7.42
C LEU A 132 6.18 -12.93 -7.28
N PRO A 133 5.56 -13.65 -8.24
CA PRO A 133 4.12 -13.90 -8.17
C PRO A 133 3.83 -14.94 -7.09
N LEU A 134 2.92 -14.62 -6.18
CA LEU A 134 2.57 -15.54 -5.09
C LEU A 134 1.11 -15.90 -5.16
N PRO A 135 0.80 -17.13 -5.58
CA PRO A 135 -0.61 -17.53 -5.66
C PRO A 135 -1.24 -17.49 -4.27
N VAL A 136 -2.32 -16.74 -4.12
CA VAL A 136 -3.00 -16.63 -2.84
C VAL A 136 -3.60 -17.97 -2.44
N SER A 137 -4.44 -18.49 -3.21
N LYS B 9 -39.73 0.61 37.31
CA LYS B 9 -39.44 0.84 38.75
C LYS B 9 -38.69 2.16 38.94
N PRO B 10 -39.02 2.91 39.99
CA PRO B 10 -38.38 4.19 40.29
C PRO B 10 -36.95 4.01 40.77
N LYS B 11 -36.25 5.11 40.96
CA LYS B 11 -34.88 5.05 41.44
C LYS B 11 -34.35 6.44 41.75
N LEU B 12 -33.24 6.47 42.47
CA LEU B 12 -32.59 7.72 42.84
C LEU B 12 -31.36 7.82 41.97
N LEU B 13 -30.89 9.04 41.74
CA LEU B 13 -29.68 9.26 40.94
C LEU B 13 -28.73 9.98 41.86
N TYR B 14 -27.69 9.26 42.27
CA TYR B 14 -26.69 9.76 43.19
C TYR B 14 -25.48 10.31 42.45
N CYS B 15 -25.19 11.58 42.67
CA CYS B 15 -24.06 12.23 42.04
C CYS B 15 -22.84 12.17 42.97
N SER B 16 -21.85 11.40 42.55
CA SER B 16 -20.63 11.21 43.32
C SER B 16 -19.82 12.50 43.55
N ASN B 17 -20.04 13.52 42.73
CA ASN B 17 -19.27 14.74 42.86
C ASN B 17 -19.37 15.32 44.26
N GLY B 18 -20.60 15.52 44.74
CA GLY B 18 -20.79 16.06 46.07
C GLY B 18 -21.58 15.10 46.94
N GLY B 19 -22.03 14.00 46.35
CA GLY B 19 -22.81 13.04 47.12
C GLY B 19 -24.25 13.48 47.25
N HIS B 20 -24.80 14.08 46.20
CA HIS B 20 -26.19 14.55 46.21
C HIS B 20 -27.09 13.71 45.31
N PHE B 21 -28.34 13.56 45.73
CA PHE B 21 -29.35 12.84 44.97
C PHE B 21 -29.98 13.90 44.06
N LEU B 22 -30.09 13.61 42.77
CA LEU B 22 -30.67 14.57 41.83
C LEU B 22 -32.09 14.89 42.28
N ARG B 23 -32.44 16.16 42.27
CA ARG B 23 -33.76 16.58 42.72
C ARG B 23 -34.44 17.60 41.84
N ILE B 24 -35.72 17.36 41.56
CA ILE B 24 -36.51 18.27 40.75
C ILE B 24 -37.57 18.87 41.68
N LEU B 25 -37.34 20.11 42.11
CA LEU B 25 -38.25 20.78 43.04
C LEU B 25 -39.57 21.12 42.39
N PRO B 26 -40.61 21.33 43.20
CA PRO B 26 -41.92 21.67 42.62
C PRO B 26 -41.91 22.90 41.72
N ASP B 27 -41.12 23.90 42.08
CA ASP B 27 -41.06 25.13 41.29
C ASP B 27 -40.28 25.00 39.99
N GLY B 28 -39.86 23.78 39.66
CA GLY B 28 -39.14 23.56 38.41
C GLY B 28 -37.62 23.69 38.50
N THR B 29 -37.12 24.02 39.69
CA THR B 29 -35.68 24.14 39.89
C THR B 29 -35.06 22.75 40.00
N VAL B 30 -33.87 22.59 39.45
CA VAL B 30 -33.19 21.30 39.53
C VAL B 30 -31.89 21.47 40.29
N ASP B 31 -31.72 20.64 41.31
CA ASP B 31 -30.49 20.68 42.10
C ASP B 31 -30.26 19.32 42.73
N GLY B 32 -29.44 19.28 43.78
CA GLY B 32 -29.18 18.01 44.43
C GLY B 32 -29.33 18.15 45.92
N THR B 33 -29.66 17.05 46.59
CA THR B 33 -29.78 17.08 48.05
C THR B 33 -29.18 15.81 48.64
N ARG B 34 -28.59 15.93 49.82
CA ARG B 34 -28.02 14.76 50.49
C ARG B 34 -29.08 14.08 51.35
N ASP B 35 -30.23 14.73 51.49
CA ASP B 35 -31.33 14.19 52.29
C ASP B 35 -32.12 13.14 51.52
N ARG B 36 -31.88 11.88 51.85
CA ARG B 36 -32.55 10.75 51.18
C ARG B 36 -34.04 10.70 51.48
N SER B 37 -34.48 11.50 52.45
CA SER B 37 -35.90 11.53 52.83
C SER B 37 -36.70 12.48 51.96
N ASP B 38 -36.01 13.34 51.22
CA ASP B 38 -36.65 14.31 50.34
C ASP B 38 -37.62 13.57 49.39
N GLN B 39 -38.82 14.12 49.23
CA GLN B 39 -39.84 13.52 48.38
C GLN B 39 -39.62 13.76 46.89
N HIS B 40 -38.79 14.75 46.56
CA HIS B 40 -38.57 15.07 45.17
C HIS B 40 -37.31 14.48 44.53
N ILE B 41 -36.76 13.41 45.13
CA ILE B 41 -35.58 12.78 44.55
C ILE B 41 -35.94 11.42 43.97
N GLN B 42 -37.21 11.03 44.09
CA GLN B 42 -37.71 9.78 43.56
C GLN B 42 -37.95 9.94 42.06
N LEU B 43 -37.06 9.39 41.26
CA LEU B 43 -37.18 9.53 39.81
C LEU B 43 -37.57 8.25 39.10
N GLN B 44 -38.38 8.41 38.06
CA GLN B 44 -38.86 7.30 37.25
C GLN B 44 -38.22 7.44 35.87
N LEU B 45 -37.37 6.49 35.51
CA LEU B 45 -36.73 6.54 34.21
C LEU B 45 -37.45 5.64 33.22
N SER B 46 -37.75 6.18 32.04
CA SER B 46 -38.42 5.40 31.01
C SER B 46 -37.60 5.58 29.75
N ALA B 47 -37.48 4.51 28.96
CA ALA B 47 -36.70 4.58 27.75
C ALA B 47 -37.54 4.79 26.50
N GLU B 48 -37.20 5.84 25.74
CA GLU B 48 -37.89 6.12 24.48
C GLU B 48 -37.40 5.00 23.57
N SER B 49 -36.13 5.09 23.19
CA SER B 49 -35.46 4.08 22.37
C SER B 49 -34.33 3.55 23.24
N VAL B 50 -33.58 2.59 22.71
CA VAL B 50 -32.47 2.03 23.46
C VAL B 50 -31.47 3.14 23.76
N GLY B 51 -31.11 3.29 25.03
CA GLY B 51 -30.14 4.32 25.40
C GLY B 51 -30.70 5.74 25.52
N GLU B 52 -31.99 5.92 25.28
CA GLU B 52 -32.61 7.23 25.40
C GLU B 52 -33.60 7.14 26.54
N VAL B 53 -33.58 8.13 27.44
CA VAL B 53 -34.47 8.11 28.58
C VAL B 53 -35.11 9.43 28.95
N TYR B 54 -36.26 9.31 29.61
CA TYR B 54 -36.97 10.45 30.15
C TYR B 54 -36.73 10.24 31.64
N ILE B 55 -36.49 11.32 32.36
CA ILE B 55 -36.24 11.23 33.81
C ILE B 55 -37.38 12.02 34.44
N LYS B 56 -38.28 11.31 35.10
CA LYS B 56 -39.46 11.93 35.69
C LYS B 56 -39.54 11.86 37.21
N SER B 57 -39.98 12.95 37.81
CA SER B 57 -40.16 13.02 39.25
C SER B 57 -41.50 12.31 39.50
N THR B 58 -41.50 11.32 40.38
CA THR B 58 -42.75 10.60 40.66
C THR B 58 -43.66 11.45 41.56
N GLU B 59 -43.05 12.30 42.37
CA GLU B 59 -43.80 13.14 43.28
C GLU B 59 -44.58 14.27 42.59
N THR B 60 -43.98 14.91 41.60
CA THR B 60 -44.64 16.01 40.91
C THR B 60 -44.96 15.74 39.44
N GLY B 61 -44.44 14.65 38.90
CA GLY B 61 -44.70 14.33 37.52
C GLY B 61 -43.86 15.15 36.54
N GLN B 62 -42.94 15.95 37.06
CA GLN B 62 -42.09 16.78 36.20
C GLN B 62 -41.00 15.96 35.53
N TYR B 63 -40.63 16.37 34.33
CA TYR B 63 -39.57 15.67 33.59
C TYR B 63 -38.30 16.52 33.57
N LEU B 64 -37.16 15.89 33.85
CA LEU B 64 -35.90 16.61 33.81
C LEU B 64 -35.74 17.11 32.39
N ALA B 65 -35.19 18.31 32.22
CA ALA B 65 -34.99 18.87 30.90
C ALA B 65 -33.89 19.92 30.87
N MET B 66 -33.44 20.24 29.66
CA MET B 66 -32.40 21.24 29.50
C MET B 66 -32.80 22.19 28.38
N ASP B 67 -32.79 23.49 28.66
CA ASP B 67 -33.20 24.46 27.65
C ASP B 67 -32.09 24.77 26.65
N THR B 68 -32.40 25.64 25.68
CA THR B 68 -31.45 25.99 24.63
C THR B 68 -30.18 26.69 25.11
N ASP B 69 -30.16 27.11 26.36
CA ASP B 69 -28.97 27.76 26.90
C ASP B 69 -28.19 26.79 27.77
N GLY B 70 -28.70 25.57 27.91
CA GLY B 70 -28.02 24.57 28.71
C GLY B 70 -28.43 24.56 30.17
N LEU B 71 -29.51 25.27 30.51
CA LEU B 71 -29.95 25.31 31.89
C LEU B 71 -30.93 24.17 32.15
N LEU B 72 -30.75 23.49 33.27
CA LEU B 72 -31.63 22.38 33.65
C LEU B 72 -32.90 22.94 34.27
N TYR B 73 -34.03 22.27 34.03
CA TYR B 73 -35.29 22.70 34.60
C TYR B 73 -36.27 21.52 34.63
N GLY B 74 -37.31 21.67 35.44
CA GLY B 74 -38.33 20.63 35.53
C GLY B 74 -39.45 20.98 34.57
N SER B 75 -39.74 20.09 33.63
CA SER B 75 -40.79 20.31 32.64
C SER B 75 -42.07 19.62 33.07
N GLN B 76 -43.19 20.35 33.06
CA GLN B 76 -44.46 19.77 33.47
C GLN B 76 -44.93 18.69 32.52
N THR B 77 -44.46 18.76 31.28
CA THR B 77 -44.82 17.78 30.27
C THR B 77 -43.60 17.35 29.47
N PRO B 78 -43.61 16.13 28.94
CA PRO B 78 -42.50 15.58 28.16
C PRO B 78 -42.36 16.22 26.79
N ASN B 79 -41.13 16.55 26.41
CA ASN B 79 -40.87 17.12 25.10
C ASN B 79 -39.44 16.82 24.68
N GLU B 80 -39.06 17.23 23.48
CA GLU B 80 -37.72 16.94 22.96
C GLU B 80 -36.58 17.37 23.89
N GLU B 81 -36.81 18.37 24.73
CA GLU B 81 -35.76 18.83 25.63
C GLU B 81 -35.61 17.92 26.86
N CYS B 82 -36.50 16.95 27.01
CA CYS B 82 -36.45 16.03 28.16
C CYS B 82 -35.71 14.72 27.87
N LEU B 83 -35.29 14.54 26.63
CA LEU B 83 -34.59 13.31 26.25
C LEU B 83 -33.10 13.38 26.52
N PHE B 84 -32.62 12.39 27.27
CA PHE B 84 -31.20 12.32 27.60
C PHE B 84 -30.64 10.99 27.13
N LEU B 85 -29.37 10.99 26.74
CA LEU B 85 -28.72 9.77 26.32
C LEU B 85 -28.03 9.19 27.54
N GLU B 86 -28.58 8.10 28.05
CA GLU B 86 -28.04 7.42 29.20
C GLU B 86 -26.86 6.54 28.78
N ARG B 87 -25.70 6.81 29.36
CA ARG B 87 -24.50 6.05 29.00
C ARG B 87 -23.74 5.53 30.21
N LEU B 88 -23.53 4.22 30.24
CA LEU B 88 -22.81 3.59 31.32
C LEU B 88 -21.35 3.97 31.21
N GLU B 89 -20.75 4.40 32.32
CA GLU B 89 -19.36 4.78 32.29
C GLU B 89 -18.47 3.69 32.85
N GLU B 90 -17.20 3.74 32.51
CA GLU B 90 -16.21 2.75 32.93
C GLU B 90 -16.31 2.35 34.39
N ASN B 91 -16.84 3.24 35.23
CA ASN B 91 -16.97 2.98 36.66
C ASN B 91 -18.35 2.46 37.07
N HIS B 92 -19.23 2.32 36.07
CA HIS B 92 -20.59 1.83 36.26
C HIS B 92 -21.60 2.87 36.76
N TYR B 93 -21.21 4.13 36.72
CA TYR B 93 -22.11 5.21 37.05
C TYR B 93 -22.64 5.52 35.66
N ASN B 94 -23.64 6.38 35.56
CA ASN B 94 -24.18 6.75 34.25
C ASN B 94 -23.98 8.23 34.04
N THR B 95 -23.91 8.63 32.78
CA THR B 95 -23.83 10.04 32.46
C THR B 95 -25.08 10.26 31.65
N TYR B 96 -25.64 11.46 31.72
CA TYR B 96 -26.84 11.79 30.97
C TYR B 96 -26.60 13.03 30.14
N ILE B 97 -26.37 12.84 28.84
CA ILE B 97 -26.12 13.98 27.98
C ILE B 97 -27.41 14.35 27.29
N SER B 98 -27.62 15.65 27.08
CA SER B 98 -28.81 16.12 26.41
C SER B 98 -28.81 15.56 25.00
N LYS B 99 -29.91 14.93 24.60
CA LYS B 99 -30.01 14.38 23.25
C LYS B 99 -30.05 15.54 22.27
N LYS B 100 -30.92 16.50 22.55
CA LYS B 100 -31.05 17.67 21.70
C LYS B 100 -29.74 18.43 21.54
N HIS B 101 -28.96 18.51 22.62
CA HIS B 101 -27.70 19.25 22.61
C HIS B 101 -26.47 18.37 22.74
N ALA B 102 -26.56 17.14 22.25
CA ALA B 102 -25.45 16.19 22.35
C ALA B 102 -24.16 16.66 21.68
N GLU B 103 -24.29 17.31 20.53
CA GLU B 103 -23.12 17.77 19.79
C GLU B 103 -22.38 18.88 20.54
N LYS B 104 -23.07 19.49 21.51
CA LYS B 104 -22.47 20.57 22.29
C LYS B 104 -21.82 20.04 23.55
N ASN B 105 -21.90 18.73 23.75
CA ASN B 105 -21.29 18.08 24.91
C ASN B 105 -21.94 18.59 26.20
N TRP B 106 -23.26 18.76 26.20
CA TRP B 106 -24.00 19.24 27.39
C TRP B 106 -24.59 18.13 28.22
N PHE B 107 -24.06 17.97 29.43
CA PHE B 107 -24.53 16.93 30.33
C PHE B 107 -25.35 17.42 31.50
N VAL B 108 -26.00 16.48 32.16
CA VAL B 108 -26.75 16.77 33.37
C VAL B 108 -25.62 16.70 34.38
N GLY B 109 -25.54 17.67 35.29
CA GLY B 109 -24.48 17.64 36.27
C GLY B 109 -24.77 18.46 37.52
N LEU B 110 -24.15 18.08 38.63
CA LEU B 110 -24.31 18.79 39.88
C LEU B 110 -22.96 19.21 40.45
N LYS B 111 -22.88 20.44 40.95
CA LYS B 111 -21.63 20.94 41.53
C LYS B 111 -21.48 20.30 42.91
N LYS B 112 -20.27 20.36 43.47
CA LYS B 112 -20.00 19.77 44.78
C LYS B 112 -20.90 20.35 45.89
N ASN B 113 -21.44 21.53 45.65
CA ASN B 113 -22.32 22.17 46.64
C ASN B 113 -23.79 21.89 46.33
N GLY B 114 -24.05 20.86 45.52
CA GLY B 114 -25.43 20.51 45.20
C GLY B 114 -26.15 21.35 44.16
N SER B 115 -25.55 22.48 43.77
CA SER B 115 -26.16 23.34 42.76
C SER B 115 -26.02 22.67 41.38
N CYS B 116 -26.92 23.00 40.45
CA CYS B 116 -26.88 22.42 39.12
C CYS B 116 -25.82 23.05 38.23
N LYS B 117 -25.27 22.26 37.31
CA LYS B 117 -24.29 22.79 36.38
C LYS B 117 -25.04 23.18 35.11
N ARG B 118 -24.42 24.04 34.32
CA ARG B 118 -25.00 24.49 33.06
C ARG B 118 -24.36 23.61 31.99
N GLY B 119 -25.13 23.24 30.97
CA GLY B 119 -24.58 22.41 29.93
C GLY B 119 -23.18 22.83 29.49
N PRO B 120 -23.00 24.09 29.06
CA PRO B 120 -21.71 24.63 28.62
C PRO B 120 -20.57 24.64 29.64
N ARG B 121 -20.86 24.23 30.87
CA ARG B 121 -19.84 24.21 31.91
C ARG B 121 -19.52 22.77 32.30
N THR B 122 -20.09 21.82 31.57
CA THR B 122 -19.85 20.41 31.80
C THR B 122 -19.05 19.85 30.64
N HIS B 123 -18.39 18.72 30.89
CA HIS B 123 -17.63 18.04 29.85
C HIS B 123 -17.46 16.60 30.27
N TYR B 124 -17.23 15.72 29.31
CA TYR B 124 -17.06 14.30 29.58
C TYR B 124 -15.90 14.11 30.55
N GLY B 125 -16.00 13.09 31.40
CA GLY B 125 -14.95 12.81 32.36
C GLY B 125 -15.03 13.62 33.65
N GLN B 126 -15.96 14.56 33.70
CA GLN B 126 -16.18 15.42 34.86
C GLN B 126 -16.92 14.64 35.96
N LYS B 127 -16.54 14.84 37.22
CA LYS B 127 -17.19 14.12 38.32
C LYS B 127 -18.65 14.56 38.49
N ALA B 128 -18.89 15.83 38.18
CA ALA B 128 -20.23 16.41 38.30
C ALA B 128 -21.28 15.72 37.43
N ILE B 129 -20.85 15.03 36.38
CA ILE B 129 -21.80 14.39 35.47
C ILE B 129 -22.03 12.89 35.70
N LEU B 130 -21.42 12.33 36.74
CA LEU B 130 -21.55 10.92 37.02
C LEU B 130 -22.66 10.63 38.04
N PHE B 131 -23.63 9.83 37.62
CA PHE B 131 -24.75 9.49 38.49
C PHE B 131 -24.94 8.00 38.62
N LEU B 132 -25.08 7.54 39.85
CA LEU B 132 -25.29 6.14 40.13
C LEU B 132 -26.80 5.87 40.26
N PRO B 133 -27.37 5.04 39.38
CA PRO B 133 -28.80 4.75 39.46
C PRO B 133 -29.02 3.78 40.63
N LEU B 134 -29.93 4.14 41.54
CA LEU B 134 -30.20 3.28 42.69
C LEU B 134 -31.67 2.89 42.73
N PRO B 135 -31.99 1.69 42.25
CA PRO B 135 -33.39 1.24 42.26
C PRO B 135 -33.92 1.12 43.68
N VAL B 136 -34.88 1.96 44.04
CA VAL B 136 -35.47 1.92 45.37
C VAL B 136 -36.43 0.73 45.46
N SER B 137 -36.77 0.34 46.59
N LYS C 8 9.56 12.29 7.66
CA LYS C 8 8.28 12.44 6.93
C LYS C 8 8.14 13.87 6.45
N LYS C 9 7.29 14.11 5.45
CA LYS C 9 7.12 15.45 4.93
C LYS C 9 6.15 16.31 5.74
N PRO C 10 6.46 17.61 5.83
CA PRO C 10 5.60 18.52 6.59
C PRO C 10 4.24 18.60 5.91
N LYS C 11 3.27 19.14 6.63
CA LYS C 11 1.94 19.26 6.08
C LYS C 11 1.15 20.34 6.77
N LEU C 12 0.10 20.78 6.11
CA LEU C 12 -0.79 21.78 6.68
C LEU C 12 -1.92 20.96 7.27
N LEU C 13 -2.55 21.45 8.32
CA LEU C 13 -3.68 20.74 8.91
C LEU C 13 -4.83 21.70 8.73
N TYR C 14 -5.72 21.35 7.81
CA TYR C 14 -6.88 22.16 7.45
C TYR C 14 -8.14 21.80 8.20
N CYS C 15 -8.69 22.76 8.93
CA CYS C 15 -9.90 22.55 9.69
C CYS C 15 -11.09 22.95 8.83
N SER C 16 -11.99 22.01 8.58
CA SER C 16 -13.15 22.34 7.75
C SER C 16 -14.19 23.21 8.47
N ASN C 17 -14.12 23.31 9.79
CA ASN C 17 -15.11 24.11 10.51
C ASN C 17 -15.21 25.51 9.88
N GLY C 18 -14.11 26.24 9.90
CA GLY C 18 -14.09 27.57 9.32
C GLY C 18 -13.17 27.64 8.12
N GLY C 19 -12.51 26.53 7.80
CA GLY C 19 -11.60 26.51 6.67
C GLY C 19 -10.27 27.18 7.01
N HIS C 20 -9.67 26.79 8.13
CA HIS C 20 -8.39 27.37 8.54
C HIS C 20 -7.30 26.34 8.67
N PHE C 21 -6.07 26.76 8.40
CA PHE C 21 -4.92 25.90 8.56
C PHE C 21 -4.51 26.11 10.01
N LEU C 22 -4.26 25.03 10.73
CA LEU C 22 -3.85 25.13 12.13
C LEU C 22 -2.51 25.86 12.14
N ARG C 23 -2.42 26.89 12.98
CA ARG C 23 -1.23 27.71 13.07
C ARG C 23 -0.71 27.83 14.51
N ILE C 24 0.60 27.61 14.68
CA ILE C 24 1.23 27.72 15.99
C ILE C 24 2.18 28.91 15.94
N LEU C 25 1.71 30.06 16.41
CA LEU C 25 2.53 31.27 16.41
C LEU C 25 3.68 31.12 17.41
N PRO C 26 4.78 31.85 17.17
CA PRO C 26 5.90 31.71 18.11
C PRO C 26 5.64 32.14 19.55
N ASP C 27 4.63 32.96 19.80
CA ASP C 27 4.37 33.37 21.18
C ASP C 27 3.62 32.27 21.93
N GLY C 28 3.32 31.17 21.25
CA GLY C 28 2.61 30.08 21.89
C GLY C 28 1.12 30.07 21.59
N THR C 29 0.66 31.10 20.90
CA THR C 29 -0.75 31.22 20.51
C THR C 29 -1.06 30.22 19.41
N VAL C 30 -2.16 29.49 19.54
CA VAL C 30 -2.55 28.55 18.50
C VAL C 30 -3.89 29.02 17.98
N ASP C 31 -4.01 29.15 16.66
CA ASP C 31 -5.26 29.57 16.07
C ASP C 31 -5.26 29.05 14.64
N GLY C 32 -6.03 29.70 13.78
CA GLY C 32 -6.08 29.27 12.40
C GLY C 32 -5.96 30.46 11.47
N THR C 33 -5.54 30.21 10.24
CA THR C 33 -5.42 31.26 9.25
C THR C 33 -5.76 30.70 7.87
N ARG C 34 -6.11 31.59 6.94
CA ARG C 34 -6.41 31.19 5.58
C ARG C 34 -5.20 31.48 4.70
N ASP C 35 -4.17 32.11 5.27
CA ASP C 35 -2.97 32.47 4.51
C ASP C 35 -1.96 31.34 4.36
N ARG C 36 -1.98 30.74 3.18
CA ARG C 36 -1.07 29.65 2.84
C ARG C 36 0.39 30.06 2.86
N SER C 37 0.66 31.36 2.87
CA SER C 37 2.05 31.83 2.89
C SER C 37 2.52 32.05 4.32
N ASP C 38 1.64 31.78 5.29
CA ASP C 38 2.03 31.96 6.68
C ASP C 38 3.12 30.94 6.99
N GLN C 39 4.17 31.40 7.67
CA GLN C 39 5.29 30.54 8.00
C GLN C 39 5.05 29.62 9.20
N HIS C 40 3.91 29.75 9.86
CA HIS C 40 3.68 28.94 11.05
C HIS C 40 2.59 27.89 10.93
N ILE C 41 2.26 27.50 9.69
CA ILE C 41 1.24 26.48 9.49
C ILE C 41 1.85 25.18 8.98
N GLN C 42 3.13 25.20 8.60
CA GLN C 42 3.78 23.98 8.10
C GLN C 42 4.12 23.13 9.31
N LEU C 43 3.52 21.96 9.38
CA LEU C 43 3.71 21.09 10.52
C LEU C 43 4.32 19.74 10.21
N GLN C 44 5.16 19.29 11.13
CA GLN C 44 5.83 18.00 11.01
C GLN C 44 5.21 17.07 12.05
N LEU C 45 4.58 16.00 11.61
CA LEU C 45 4.01 15.03 12.55
C LEU C 45 4.94 13.83 12.65
N SER C 46 5.25 13.45 13.88
CA SER C 46 6.11 12.31 14.14
C SER C 46 5.40 11.40 15.12
N ALA C 47 5.36 10.12 14.80
CA ALA C 47 4.69 9.15 15.65
C ALA C 47 5.66 8.62 16.70
N GLU C 48 5.46 8.99 17.96
CA GLU C 48 6.31 8.52 19.04
C GLU C 48 6.04 7.01 19.19
N SER C 49 4.78 6.65 19.00
CA SER C 49 4.33 5.27 19.07
C SER C 49 3.27 5.21 17.98
N VAL C 50 2.80 4.03 17.63
CA VAL C 50 1.77 3.93 16.61
C VAL C 50 0.52 4.69 17.05
N GLY C 51 -0.03 5.51 16.16
CA GLY C 51 -1.24 6.27 16.48
C GLY C 51 -1.08 7.43 17.47
N GLU C 52 0.14 7.65 17.94
CA GLU C 52 0.42 8.73 18.89
C GLU C 52 1.39 9.70 18.22
N VAL C 53 1.00 10.96 18.09
CA VAL C 53 1.83 11.91 17.39
C VAL C 53 2.19 13.20 18.11
N TYR C 54 3.32 13.76 17.69
CA TYR C 54 3.77 15.06 18.17
C TYR C 54 3.44 15.89 16.93
N ILE C 55 2.89 17.09 17.13
CA ILE C 55 2.56 17.96 16.01
C ILE C 55 3.47 19.16 16.20
N LYS C 56 4.47 19.30 15.34
CA LYS C 56 5.45 20.38 15.49
C LYS C 56 5.66 21.33 14.32
N SER C 57 5.77 22.62 14.63
CA SER C 57 6.02 23.64 13.62
C SER C 57 7.41 23.42 13.04
N THR C 58 7.48 23.29 11.71
CA THR C 58 8.77 23.07 11.04
C THR C 58 9.56 24.36 11.06
N GLU C 59 8.85 25.47 11.22
CA GLU C 59 9.46 26.79 11.24
C GLU C 59 10.05 27.16 12.59
N THR C 60 9.30 26.96 13.67
CA THR C 60 9.76 27.35 14.99
C THR C 60 10.19 26.23 15.91
N GLY C 61 9.88 25.00 15.51
CA GLY C 61 10.22 23.85 16.34
C GLY C 61 9.28 23.68 17.53
N GLN C 62 8.29 24.57 17.67
CA GLN C 62 7.36 24.46 18.81
C GLN C 62 6.30 23.36 18.62
N TYR C 63 5.94 22.71 19.72
CA TYR C 63 4.97 21.61 19.73
C TYR C 63 3.56 22.02 20.09
N LEU C 64 2.59 21.51 19.32
CA LEU C 64 1.20 21.79 19.62
C LEU C 64 0.99 21.11 20.96
N ALA C 65 0.23 21.73 21.85
CA ALA C 65 -0.01 21.17 23.16
C ALA C 65 -1.35 21.65 23.67
N MET C 66 -1.89 20.98 24.68
CA MET C 66 -3.16 21.36 25.28
C MET C 66 -2.97 21.34 26.79
N ASP C 67 -3.27 22.46 27.45
CA ASP C 67 -3.10 22.53 28.91
C ASP C 67 -4.29 21.93 29.67
N THR C 68 -4.20 21.94 30.99
CA THR C 68 -5.22 21.38 31.85
C THR C 68 -6.63 21.91 31.66
N ASP C 69 -6.77 23.09 31.07
CA ASP C 69 -8.10 23.67 30.83
C ASP C 69 -8.58 23.38 29.42
N GLY C 70 -7.86 22.53 28.70
CA GLY C 70 -8.25 22.18 27.34
C GLY C 70 -7.82 23.22 26.31
N LEU C 71 -6.95 24.15 26.72
CA LEU C 71 -6.49 25.19 25.82
C LEU C 71 -5.25 24.79 25.02
N LEU C 72 -5.31 25.03 23.70
CA LEU C 72 -4.20 24.71 22.83
C LEU C 72 -3.12 25.79 22.98
N TYR C 73 -1.87 25.40 22.87
CA TYR C 73 -0.78 26.36 22.94
C TYR C 73 0.44 25.76 22.28
N GLY C 74 1.42 26.61 21.98
CA GLY C 74 2.65 26.15 21.37
C GLY C 74 3.72 26.03 22.43
N SER C 75 4.17 24.80 22.65
CA SER C 75 5.20 24.51 23.64
C SER C 75 6.58 24.50 23.00
N GLN C 76 7.53 25.21 23.59
CA GLN C 76 8.88 25.26 23.04
C GLN C 76 9.65 23.96 23.26
N THR C 77 9.16 23.12 24.16
CA THR C 77 9.81 21.84 24.43
C THR C 77 8.77 20.74 24.52
N PRO C 78 9.12 19.52 24.10
CA PRO C 78 8.18 18.40 24.15
C PRO C 78 7.89 17.95 25.59
N ASN C 79 6.64 17.59 25.84
CA ASN C 79 6.22 17.12 27.15
C ASN C 79 4.93 16.32 27.00
N GLU C 80 4.43 15.78 28.10
CA GLU C 80 3.21 14.96 28.07
C GLU C 80 2.00 15.65 27.47
N GLU C 81 1.95 16.99 27.56
CA GLU C 81 0.82 17.74 27.02
C GLU C 81 0.92 17.91 25.51
N CYS C 82 2.01 17.40 24.93
CA CYS C 82 2.26 17.51 23.49
C CYS C 82 1.88 16.31 22.65
N LEU C 83 1.49 15.22 23.31
CA LEU C 83 1.11 14.01 22.60
C LEU C 83 -0.38 13.95 22.30
N PHE C 84 -0.71 13.55 21.09
CA PHE C 84 -2.10 13.45 20.65
C PHE C 84 -2.35 12.10 19.97
N LEU C 85 -3.54 11.55 20.19
CA LEU C 85 -3.94 10.29 19.57
C LEU C 85 -4.53 10.66 18.21
N GLU C 86 -3.87 10.22 17.14
CA GLU C 86 -4.33 10.52 15.79
C GLU C 86 -5.31 9.46 15.34
N ARG C 87 -6.52 9.88 15.00
CA ARG C 87 -7.55 8.97 14.56
C ARG C 87 -7.97 9.31 13.13
N LEU C 88 -7.99 8.29 12.27
CA LEU C 88 -8.38 8.47 10.89
C LEU C 88 -9.90 8.54 10.79
N GLU C 89 -10.40 9.57 10.10
CA GLU C 89 -11.83 9.76 9.94
C GLU C 89 -12.24 9.67 8.47
N GLU C 90 -13.51 9.91 8.20
CA GLU C 90 -14.02 9.87 6.83
C GLU C 90 -13.41 10.94 5.94
N ASN C 91 -13.27 10.63 4.66
CA ASN C 91 -12.72 11.56 3.68
C ASN C 91 -11.34 12.08 4.00
N HIS C 92 -10.49 11.21 4.52
CA HIS C 92 -9.11 11.55 4.83
C HIS C 92 -8.89 12.59 5.92
N TYR C 93 -9.95 12.99 6.61
CA TYR C 93 -9.81 13.94 7.71
C TYR C 93 -9.34 13.16 8.92
N ASN C 94 -8.65 13.83 9.84
CA ASN C 94 -8.17 13.19 11.06
C ASN C 94 -8.65 13.98 12.26
N THR C 95 -8.68 13.33 13.41
CA THR C 95 -9.05 13.98 14.66
C THR C 95 -7.83 13.77 15.56
N TYR C 96 -7.60 14.72 16.46
CA TYR C 96 -6.46 14.60 17.36
C TYR C 96 -6.93 14.81 18.79
N ILE C 97 -6.83 13.75 19.58
CA ILE C 97 -7.23 13.78 20.98
C ILE C 97 -6.03 13.94 21.89
N SER C 98 -6.16 14.82 22.86
CA SER C 98 -5.09 15.05 23.83
C SER C 98 -4.84 13.70 24.49
N LYS C 99 -3.60 13.22 24.46
CA LYS C 99 -3.32 11.94 25.08
C LYS C 99 -3.49 12.08 26.59
N LYS C 100 -3.01 13.20 27.14
CA LYS C 100 -3.09 13.45 28.57
C LYS C 100 -4.54 13.53 29.05
N HIS C 101 -5.42 14.08 28.22
CA HIS C 101 -6.81 14.22 28.59
C HIS C 101 -7.69 13.37 27.69
N ALA C 102 -7.14 12.25 27.21
CA ALA C 102 -7.86 11.35 26.32
C ALA C 102 -9.14 10.78 26.95
N GLU C 103 -9.12 10.52 28.26
CA GLU C 103 -10.31 9.97 28.92
C GLU C 103 -11.46 10.99 28.95
N LYS C 104 -11.14 12.24 28.64
CA LYS C 104 -12.16 13.30 28.61
C LYS C 104 -12.60 13.57 27.17
N ASN C 105 -11.92 12.93 26.21
CA ASN C 105 -12.25 13.12 24.79
C ASN C 105 -12.05 14.57 24.36
N TRP C 106 -10.95 15.17 24.81
CA TRP C 106 -10.65 16.55 24.48
C TRP C 106 -9.93 16.59 23.15
N PHE C 107 -10.61 17.14 22.15
CA PHE C 107 -10.03 17.24 20.82
C PHE C 107 -9.37 18.57 20.55
N VAL C 108 -8.47 18.54 19.58
CA VAL C 108 -7.80 19.72 19.08
C VAL C 108 -8.91 20.24 18.17
N GLY C 109 -9.22 21.52 18.26
CA GLY C 109 -10.27 22.05 17.42
C GLY C 109 -10.24 23.55 17.29
N LEU C 110 -10.85 24.05 16.22
CA LEU C 110 -10.92 25.49 15.98
C LEU C 110 -12.35 25.90 15.68
N LYS C 111 -12.70 27.10 16.13
CA LYS C 111 -14.02 27.65 15.89
C LYS C 111 -14.09 28.14 14.45
N LYS C 112 -15.30 28.50 14.02
CA LYS C 112 -15.48 28.99 12.66
C LYS C 112 -14.73 30.31 12.44
N ASN C 113 -14.49 31.06 13.52
CA ASN C 113 -13.79 32.32 13.39
C ASN C 113 -12.27 32.13 13.44
N GLY C 114 -11.81 30.89 13.48
CA GLY C 114 -10.38 30.64 13.49
C GLY C 114 -9.69 30.55 14.84
N SER C 115 -10.38 30.85 15.93
CA SER C 115 -9.74 30.77 17.25
C SER C 115 -9.86 29.33 17.80
N CYS C 116 -9.07 29.01 18.82
CA CYS C 116 -9.09 27.68 19.41
C CYS C 116 -10.41 27.36 20.10
N LYS C 117 -10.87 26.12 19.94
CA LYS C 117 -12.09 25.69 20.61
C LYS C 117 -11.58 24.79 21.73
N ARG C 118 -11.76 25.22 22.97
CA ARG C 118 -11.30 24.47 24.15
C ARG C 118 -11.71 23.00 24.14
N GLY C 119 -10.81 22.14 24.59
CA GLY C 119 -11.07 20.71 24.62
C GLY C 119 -12.40 20.30 25.24
N PRO C 120 -12.80 20.90 26.38
CA PRO C 120 -14.08 20.52 26.98
C PRO C 120 -15.33 20.85 26.17
N ARG C 121 -15.20 21.75 25.22
CA ARG C 121 -16.33 22.13 24.40
C ARG C 121 -16.37 21.39 23.07
N THR C 122 -15.37 20.55 22.82
CA THR C 122 -15.32 19.78 21.59
C THR C 122 -16.12 18.49 21.79
N HIS C 123 -16.47 17.85 20.68
CA HIS C 123 -17.24 16.61 20.76
C HIS C 123 -17.24 16.00 19.37
N TYR C 124 -17.12 14.68 19.32
CA TYR C 124 -17.11 14.00 18.05
C TYR C 124 -18.35 14.43 17.27
N GLY C 125 -18.19 14.59 15.96
CA GLY C 125 -19.31 15.02 15.14
C GLY C 125 -19.18 16.47 14.72
N GLN C 126 -18.48 17.28 15.52
CA GLN C 126 -18.30 18.69 15.18
C GLN C 126 -17.29 18.82 14.04
N LYS C 127 -17.43 19.85 13.23
CA LYS C 127 -16.49 20.09 12.14
C LYS C 127 -15.23 20.74 12.71
N ALA C 128 -15.35 21.29 13.91
CA ALA C 128 -14.23 21.96 14.59
C ALA C 128 -13.06 21.05 14.88
N ILE C 129 -13.32 19.75 15.02
CA ILE C 129 -12.27 18.80 15.34
C ILE C 129 -11.71 18.05 14.13
N LEU C 130 -12.30 18.27 12.96
CA LEU C 130 -11.85 17.58 11.76
C LEU C 130 -10.75 18.32 11.01
N PHE C 131 -9.58 17.69 10.90
CA PHE C 131 -8.45 18.30 10.20
C PHE C 131 -8.02 17.45 9.02
N LEU C 132 -7.83 18.11 7.88
CA LEU C 132 -7.41 17.43 6.66
C LEU C 132 -5.92 17.65 6.47
N PRO C 133 -5.12 16.57 6.50
CA PRO C 133 -3.68 16.73 6.31
C PRO C 133 -3.35 16.95 4.84
N LEU C 134 -2.61 18.01 4.54
CA LEU C 134 -2.23 18.33 3.17
C LEU C 134 -0.71 18.38 3.07
N PRO C 135 -0.08 17.32 2.57
CA PRO C 135 1.37 17.28 2.43
C PRO C 135 1.88 18.52 1.69
N VAL C 136 2.96 19.11 2.19
CA VAL C 136 3.52 20.30 1.56
C VAL C 136 4.48 19.88 0.44
N SER C 137 4.77 20.73 -0.43
N LYS D 9 41.33 -6.61 -41.45
CA LYS D 9 41.58 -5.38 -42.26
C LYS D 9 40.84 -4.18 -41.68
N PRO D 10 41.25 -2.96 -42.07
CA PRO D 10 40.59 -1.75 -41.55
C PRO D 10 39.19 -1.58 -42.14
N LYS D 11 38.22 -1.33 -41.27
CA LYS D 11 36.84 -1.17 -41.71
C LYS D 11 36.19 0.10 -41.21
N LEU D 12 35.06 0.43 -41.82
CA LEU D 12 34.24 1.57 -41.42
C LEU D 12 32.98 0.91 -40.90
N LEU D 13 32.36 1.48 -39.88
CA LEU D 13 31.10 0.93 -39.37
C LEU D 13 30.06 1.99 -39.66
N TYR D 14 29.23 1.71 -40.67
CA TYR D 14 28.19 2.63 -41.11
C TYR D 14 26.89 2.42 -40.33
N CYS D 15 26.43 3.48 -39.67
CA CYS D 15 25.20 3.39 -38.89
C CYS D 15 24.00 3.69 -39.76
N SER D 16 23.10 2.73 -39.84
CA SER D 16 21.91 2.85 -40.65
C SER D 16 20.98 4.00 -40.24
N ASN D 17 21.01 4.37 -38.96
CA ASN D 17 20.12 5.39 -38.45
C ASN D 17 20.14 6.75 -39.15
N GLY D 18 21.29 7.41 -39.16
CA GLY D 18 21.38 8.70 -39.82
C GLY D 18 22.42 8.70 -40.91
N GLY D 19 23.01 7.54 -41.17
CA GLY D 19 24.01 7.42 -42.21
C GLY D 19 25.39 7.92 -41.80
N HIS D 20 25.74 7.71 -40.53
CA HIS D 20 27.03 8.14 -40.01
C HIS D 20 27.99 6.99 -39.80
N PHE D 21 29.28 7.23 -40.04
CA PHE D 21 30.28 6.22 -39.79
C PHE D 21 30.70 6.41 -38.34
N LEU D 22 30.79 5.30 -37.59
CA LEU D 22 31.16 5.37 -36.18
C LEU D 22 32.53 6.00 -36.08
N ARG D 23 32.64 7.04 -35.25
CA ARG D 23 33.88 7.76 -35.08
C ARG D 23 34.38 7.86 -33.64
N ILE D 24 35.66 7.55 -33.43
CA ILE D 24 36.26 7.65 -32.11
C ILE D 24 37.25 8.82 -32.16
N LEU D 25 36.84 9.97 -31.64
CA LEU D 25 37.70 11.16 -31.62
C LEU D 25 38.85 10.97 -30.63
N PRO D 26 39.98 11.63 -30.86
CA PRO D 26 41.11 11.48 -29.93
C PRO D 26 40.86 11.82 -28.45
N ASP D 27 39.86 12.63 -28.17
CA ASP D 27 39.58 13.02 -26.80
C ASP D 27 38.70 12.01 -26.07
N GLY D 28 38.41 10.90 -26.75
CA GLY D 28 37.60 9.86 -26.16
C GLY D 28 36.13 9.98 -26.52
N THR D 29 35.79 11.06 -27.21
CA THR D 29 34.41 11.33 -27.62
C THR D 29 34.04 10.39 -28.78
N VAL D 30 32.89 9.72 -28.65
CA VAL D 30 32.41 8.81 -29.71
C VAL D 30 31.15 9.40 -30.32
N ASP D 31 31.13 9.50 -31.65
CA ASP D 31 29.97 10.01 -32.36
C ASP D 31 30.01 9.44 -33.77
N GLY D 32 29.37 10.13 -34.70
CA GLY D 32 29.38 9.65 -36.07
C GLY D 32 29.54 10.81 -37.02
N THR D 33 30.03 10.53 -38.22
CA THR D 33 30.20 11.55 -39.21
C THR D 33 29.95 10.93 -40.57
N ARG D 34 29.49 11.74 -41.52
CA ARG D 34 29.25 11.26 -42.87
C ARG D 34 30.48 11.44 -43.75
N ASP D 35 31.45 12.21 -43.26
CA ASP D 35 32.66 12.45 -44.03
C ASP D 35 33.54 11.21 -44.05
N ARG D 36 33.51 10.53 -45.18
CA ARG D 36 34.25 9.29 -45.36
C ARG D 36 35.77 9.46 -45.29
N SER D 37 36.26 10.68 -45.42
CA SER D 37 37.71 10.91 -45.39
C SER D 37 38.20 11.17 -43.97
N ASP D 38 37.26 11.23 -43.03
CA ASP D 38 37.62 11.47 -41.64
C ASP D 38 38.58 10.38 -41.19
N GLN D 39 39.72 10.75 -40.62
CA GLN D 39 40.72 9.77 -40.19
C GLN D 39 40.29 8.94 -38.98
N HIS D 40 39.32 9.44 -38.23
CA HIS D 40 38.90 8.74 -37.02
C HIS D 40 37.76 7.72 -37.12
N ILE D 41 37.31 7.42 -38.34
CA ILE D 41 36.26 6.43 -38.56
C ILE D 41 36.90 5.11 -39.02
N GLN D 42 38.22 5.11 -39.22
CA GLN D 42 38.94 3.92 -39.64
C GLN D 42 39.10 3.01 -38.43
N LEU D 43 38.41 1.87 -38.44
CA LEU D 43 38.46 0.99 -37.30
C LEU D 43 38.98 -0.41 -37.60
N GLN D 44 39.46 -1.08 -36.57
CA GLN D 44 39.93 -2.44 -36.73
C GLN D 44 39.23 -3.30 -35.68
N LEU D 45 38.47 -4.27 -36.14
CA LEU D 45 37.76 -5.15 -35.23
C LEU D 45 38.57 -6.41 -34.96
N SER D 46 38.77 -6.69 -33.68
CA SER D 46 39.53 -7.87 -33.27
C SER D 46 38.60 -8.87 -32.60
N ALA D 47 38.81 -10.14 -32.88
CA ALA D 47 37.99 -11.18 -32.30
C ALA D 47 38.69 -11.86 -31.13
N GLU D 48 38.41 -11.38 -29.92
CA GLU D 48 39.00 -11.98 -28.72
C GLU D 48 38.53 -13.42 -28.72
N SER D 49 37.24 -13.60 -28.44
CA SER D 49 36.62 -14.91 -28.43
C SER D 49 35.65 -14.95 -29.62
N VAL D 50 34.91 -16.03 -29.75
CA VAL D 50 33.97 -16.16 -30.85
C VAL D 50 32.74 -15.27 -30.62
N GLY D 51 32.64 -14.21 -31.41
CA GLY D 51 31.50 -13.31 -31.26
C GLY D 51 31.79 -12.11 -30.36
N GLU D 52 32.94 -12.13 -29.70
CA GLU D 52 33.32 -11.02 -28.84
C GLU D 52 34.39 -10.26 -29.60
N VAL D 53 34.16 -8.98 -29.82
CA VAL D 53 35.13 -8.19 -30.55
C VAL D 53 35.56 -6.93 -29.83
N TYR D 54 36.70 -6.42 -30.26
CA TYR D 54 37.27 -5.18 -29.76
C TYR D 54 37.16 -4.30 -31.00
N ILE D 55 36.79 -3.04 -30.82
CA ILE D 55 36.69 -2.13 -31.96
C ILE D 55 37.73 -1.06 -31.65
N LYS D 56 38.80 -1.03 -32.44
CA LYS D 56 39.89 -0.09 -32.21
C LYS D 56 40.15 0.90 -33.34
N SER D 57 40.48 2.12 -32.97
CA SER D 57 40.81 3.14 -33.97
C SER D 57 42.18 2.83 -34.54
N THR D 58 42.30 2.82 -35.86
CA THR D 58 43.59 2.55 -36.49
C THR D 58 44.38 3.85 -36.62
N GLU D 59 43.81 4.94 -36.12
CA GLU D 59 44.46 6.24 -36.16
C GLU D 59 45.03 6.60 -34.79
N THR D 60 44.30 6.30 -33.73
CA THR D 60 44.77 6.65 -32.38
C THR D 60 45.04 5.46 -31.49
N GLY D 61 44.63 4.28 -31.92
CA GLY D 61 44.83 3.09 -31.13
C GLY D 61 43.84 2.94 -29.99
N GLN D 62 42.89 3.86 -29.87
CA GLN D 62 41.89 3.79 -28.80
C GLN D 62 40.85 2.70 -29.05
N TYR D 63 40.33 2.14 -27.97
CA TYR D 63 39.31 1.10 -28.05
C TYR D 63 37.96 1.69 -27.74
N LEU D 64 36.94 1.30 -28.49
CA LEU D 64 35.60 1.78 -28.24
C LEU D 64 35.21 1.14 -26.90
N ALA D 65 34.41 1.84 -26.12
CA ALA D 65 33.99 1.32 -24.83
C ALA D 65 32.68 1.98 -24.39
N MET D 66 32.03 1.38 -23.39
CA MET D 66 30.79 1.91 -22.86
C MET D 66 30.90 1.92 -21.33
N ASP D 67 30.71 3.08 -20.72
CA ASP D 67 30.81 3.16 -19.26
C ASP D 67 29.53 2.72 -18.56
N THR D 68 29.56 2.72 -17.23
CA THR D 68 28.43 2.30 -16.40
C THR D 68 27.11 3.01 -16.67
N ASP D 69 27.17 4.24 -17.20
CA ASP D 69 25.95 4.97 -17.51
C ASP D 69 25.47 4.66 -18.92
N GLY D 70 26.22 3.80 -19.62
CA GLY D 70 25.86 3.43 -20.98
C GLY D 70 26.34 4.41 -22.04
N LEU D 71 27.27 5.27 -21.67
CA LEU D 71 27.79 6.25 -22.61
C LEU D 71 29.03 5.69 -23.30
N LEU D 72 29.10 5.86 -24.61
CA LEU D 72 30.24 5.37 -25.38
C LEU D 72 31.45 6.27 -25.21
N TYR D 73 32.64 5.69 -25.21
CA TYR D 73 33.85 6.50 -25.10
C TYR D 73 35.06 5.77 -25.66
N GLY D 74 36.10 6.52 -25.96
CA GLY D 74 37.32 5.93 -26.47
C GLY D 74 38.24 5.71 -25.32
N SER D 75 38.71 4.48 -25.18
CA SER D 75 39.61 4.13 -24.09
C SER D 75 40.99 3.85 -24.66
N GLN D 76 42.01 4.42 -24.04
CA GLN D 76 43.37 4.23 -24.52
C GLN D 76 43.90 2.83 -24.23
N THR D 77 43.29 2.15 -23.27
CA THR D 77 43.70 0.80 -22.90
C THR D 77 42.49 -0.13 -22.84
N PRO D 78 42.63 -1.37 -23.33
CA PRO D 78 41.54 -2.35 -23.34
C PRO D 78 41.15 -2.84 -21.95
N ASN D 79 39.86 -2.72 -21.64
CA ASN D 79 39.35 -3.16 -20.36
C ASN D 79 38.02 -3.87 -20.59
N GLU D 80 37.43 -4.42 -19.54
CA GLU D 80 36.17 -5.14 -19.68
C GLU D 80 35.07 -4.28 -20.32
N GLU D 81 35.24 -2.96 -20.29
CA GLU D 81 34.25 -2.08 -20.87
C GLU D 81 34.40 -1.95 -22.38
N CYS D 82 35.49 -2.51 -22.92
CA CYS D 82 35.78 -2.44 -24.35
C CYS D 82 35.35 -3.66 -25.16
N LEU D 83 34.81 -4.66 -24.49
CA LEU D 83 34.37 -5.87 -25.17
C LEU D 83 32.91 -5.74 -25.58
N PHE D 84 32.61 -6.17 -26.80
CA PHE D 84 31.26 -6.11 -27.32
C PHE D 84 30.89 -7.42 -27.98
N LEU D 85 29.61 -7.78 -27.85
CA LEU D 85 29.11 -9.00 -28.47
C LEU D 85 28.64 -8.63 -29.86
N GLU D 86 29.28 -9.20 -30.87
CA GLU D 86 28.92 -8.89 -32.24
C GLU D 86 27.92 -9.90 -32.81
N ARG D 87 26.79 -9.38 -33.28
CA ARG D 87 25.75 -10.22 -33.87
C ARG D 87 25.41 -9.73 -35.27
N LEU D 88 25.43 -10.65 -36.23
CA LEU D 88 25.10 -10.30 -37.61
C LEU D 88 23.56 -10.28 -37.70
N GLU D 89 23.02 -9.31 -38.43
CA GLU D 89 21.57 -9.21 -38.56
C GLU D 89 21.06 -9.63 -39.93
N GLU D 90 19.73 -9.70 -40.05
CA GLU D 90 19.08 -10.12 -41.27
C GLU D 90 19.45 -9.33 -42.52
N ASN D 91 19.79 -8.05 -42.34
CA ASN D 91 20.12 -7.18 -43.46
C ASN D 91 21.62 -6.93 -43.67
N HIS D 92 22.45 -7.92 -43.37
CA HIS D 92 23.88 -7.79 -43.53
C HIS D 92 24.52 -6.80 -42.55
N TYR D 93 23.67 -6.09 -41.80
CA TYR D 93 24.14 -5.13 -40.81
C TYR D 93 24.41 -5.90 -39.50
N ASN D 94 25.27 -5.35 -38.64
CA ASN D 94 25.57 -5.98 -37.37
C ASN D 94 25.09 -5.12 -36.23
N THR D 95 25.07 -5.70 -35.03
CA THR D 95 24.69 -4.99 -33.83
C THR D 95 25.78 -5.29 -32.81
N TYR D 96 26.03 -4.38 -31.90
CA TYR D 96 27.07 -4.60 -30.91
C TYR D 96 26.57 -4.30 -29.51
N ILE D 97 26.56 -5.33 -28.67
CA ILE D 97 26.10 -5.20 -27.29
C ILE D 97 27.28 -5.15 -26.32
N SER D 98 27.18 -4.28 -25.34
CA SER D 98 28.23 -4.15 -24.34
C SER D 98 28.32 -5.45 -23.56
N LYS D 99 29.48 -6.10 -23.58
CA LYS D 99 29.64 -7.35 -22.85
C LYS D 99 29.38 -7.13 -21.36
N LYS D 100 30.03 -6.12 -20.79
CA LYS D 100 29.89 -5.81 -19.37
C LYS D 100 28.47 -5.50 -18.96
N HIS D 101 27.62 -5.12 -19.91
CA HIS D 101 26.24 -4.81 -19.60
C HIS D 101 25.30 -5.53 -20.57
N ALA D 102 25.69 -6.73 -20.97
CA ALA D 102 24.91 -7.53 -21.92
C ALA D 102 23.51 -7.85 -21.45
N GLU D 103 23.36 -8.11 -20.15
CA GLU D 103 22.05 -8.43 -19.59
C GLU D 103 21.06 -7.30 -19.82
N LYS D 104 21.56 -6.07 -19.73
CA LYS D 104 20.71 -4.89 -19.91
C LYS D 104 20.39 -4.66 -21.38
N ASN D 105 21.10 -5.37 -22.26
CA ASN D 105 20.90 -5.24 -23.70
C ASN D 105 21.30 -3.85 -24.18
N TRP D 106 22.37 -3.31 -23.60
CA TRP D 106 22.87 -2.01 -24.00
C TRP D 106 23.67 -2.14 -25.28
N PHE D 107 23.14 -1.57 -26.36
CA PHE D 107 23.79 -1.63 -27.67
C PHE D 107 24.61 -0.39 -27.96
N VAL D 108 25.57 -0.55 -28.86
CA VAL D 108 26.36 0.57 -29.33
C VAL D 108 25.36 1.18 -30.32
N GLY D 109 25.17 2.49 -30.27
CA GLY D 109 24.22 3.11 -31.18
C GLY D 109 24.41 4.60 -31.36
N LEU D 110 23.98 5.12 -32.50
CA LEU D 110 24.08 6.55 -32.78
C LEU D 110 22.71 7.11 -33.10
N LYS D 111 22.47 8.35 -32.68
CA LYS D 111 21.20 9.01 -32.95
C LYS D 111 21.19 9.46 -34.41
N LYS D 112 20.05 9.98 -34.85
CA LYS D 112 19.88 10.47 -36.21
C LYS D 112 20.79 11.64 -36.53
N ASN D 113 21.14 12.42 -35.52
CA ASN D 113 22.00 13.59 -35.73
C ASN D 113 23.48 13.28 -35.58
N GLY D 114 23.84 12.00 -35.48
CA GLY D 114 25.24 11.65 -35.34
C GLY D 114 25.75 11.46 -33.92
N SER D 115 25.03 11.98 -32.94
CA SER D 115 25.43 11.83 -31.53
C SER D 115 25.33 10.40 -31.03
N CYS D 116 26.07 10.12 -29.97
CA CYS D 116 26.07 8.80 -29.35
C CYS D 116 24.69 8.56 -28.74
N LYS D 117 24.23 7.32 -28.80
CA LYS D 117 22.93 6.95 -28.24
C LYS D 117 23.21 6.20 -26.94
N ARG D 118 22.83 6.78 -25.81
CA ARG D 118 23.04 6.16 -24.51
C ARG D 118 22.50 4.72 -24.52
N GLY D 119 23.32 3.78 -24.08
CA GLY D 119 22.93 2.38 -24.05
C GLY D 119 21.53 2.07 -23.55
N PRO D 120 21.10 2.67 -22.42
CA PRO D 120 19.76 2.40 -21.89
C PRO D 120 18.64 2.97 -22.76
N ARG D 121 19.02 3.63 -23.84
CA ARG D 121 18.04 4.21 -24.75
C ARG D 121 17.96 3.38 -26.01
N THR D 122 18.76 2.32 -26.06
CA THR D 122 18.80 1.44 -27.22
C THR D 122 17.91 0.23 -27.01
N HIS D 123 17.49 -0.38 -28.11
CA HIS D 123 16.65 -1.56 -28.07
C HIS D 123 16.68 -2.26 -29.42
N TYR D 124 16.68 -3.58 -29.40
CA TYR D 124 16.71 -4.35 -30.64
C TYR D 124 15.59 -3.82 -31.53
N GLY D 125 15.83 -3.81 -32.84
CA GLY D 125 14.82 -3.32 -33.76
C GLY D 125 15.08 -1.90 -34.22
N GLN D 126 15.85 -1.14 -33.44
CA GLN D 126 16.16 0.23 -33.80
C GLN D 126 17.20 0.29 -34.91
N LYS D 127 17.16 1.36 -35.70
CA LYS D 127 18.13 1.55 -36.77
C LYS D 127 19.41 2.09 -36.13
N ALA D 128 19.27 2.67 -34.95
CA ALA D 128 20.39 3.27 -34.23
C ALA D 128 21.48 2.28 -33.87
N ILE D 129 21.12 1.00 -33.75
CA ILE D 129 22.08 -0.02 -33.37
C ILE D 129 22.59 -0.88 -34.50
N LEU D 130 22.21 -0.57 -35.73
CA LEU D 130 22.64 -1.35 -36.87
C LEU D 130 23.85 -0.72 -37.55
N PHE D 131 24.93 -1.50 -37.65
CA PHE D 131 26.16 -1.02 -38.26
C PHE D 131 26.62 -1.97 -39.35
N LEU D 132 26.87 -1.41 -40.53
CA LEU D 132 27.35 -2.19 -41.67
C LEU D 132 28.87 -2.05 -41.81
N PRO D 133 29.61 -3.16 -41.61
CA PRO D 133 31.07 -3.11 -41.73
C PRO D 133 31.48 -3.01 -43.19
N LEU D 134 32.27 -2.00 -43.52
CA LEU D 134 32.74 -1.81 -44.89
C LEU D 134 34.27 -1.83 -44.95
N PRO D 135 34.83 -2.69 -45.81
CA PRO D 135 36.29 -2.76 -45.94
C PRO D 135 36.75 -1.48 -46.63
N VAL D 136 37.67 -0.74 -46.02
CA VAL D 136 38.15 0.49 -46.63
C VAL D 136 39.33 0.25 -47.56
N SER D 137 39.34 0.94 -48.69
CA SER D 137 40.41 0.80 -49.68
C SER D 137 40.54 -0.62 -50.22
N SER D 138 41.51 -0.90 -50.94
N LYS E 8 -14.22 -4.09 38.14
CA LYS E 8 -14.24 -5.52 37.73
C LYS E 8 -15.63 -5.93 37.24
N LYS E 9 -16.64 -5.15 37.60
CA LYS E 9 -18.00 -5.43 37.18
C LYS E 9 -18.05 -5.63 35.67
N PRO E 10 -18.75 -6.67 35.21
CA PRO E 10 -18.88 -6.97 33.78
C PRO E 10 -19.79 -5.97 33.05
N LYS E 11 -19.65 -5.92 31.73
CA LYS E 11 -20.47 -5.05 30.92
C LYS E 11 -20.90 -5.80 29.67
N LEU E 12 -21.99 -5.36 29.07
CA LEU E 12 -22.50 -5.97 27.84
C LEU E 12 -22.29 -4.94 26.74
N LEU E 13 -21.98 -5.41 25.54
CA LEU E 13 -21.84 -4.51 24.41
C LEU E 13 -23.00 -4.83 23.47
N TYR E 14 -23.98 -3.93 23.47
CA TYR E 14 -25.19 -4.08 22.67
C TYR E 14 -25.05 -3.39 21.32
N CYS E 15 -25.24 -4.15 20.24
CA CYS E 15 -25.13 -3.60 18.89
C CYS E 15 -26.51 -3.19 18.39
N SER E 16 -26.60 -1.97 17.87
CA SER E 16 -27.88 -1.45 17.38
C SER E 16 -28.25 -1.89 15.96
N ASN E 17 -27.32 -2.54 15.27
CA ASN E 17 -27.60 -2.99 13.90
C ASN E 17 -28.74 -3.99 13.92
N GLY E 18 -28.67 -4.96 14.82
CA GLY E 18 -29.72 -5.96 14.91
C GLY E 18 -30.16 -6.20 16.34
N GLY E 19 -29.56 -5.47 17.27
CA GLY E 19 -29.92 -5.63 18.68
C GLY E 19 -29.29 -6.84 19.34
N HIS E 20 -28.05 -7.14 18.99
CA HIS E 20 -27.36 -8.29 19.58
C HIS E 20 -26.28 -7.87 20.57
N PHE E 21 -26.12 -8.66 21.63
CA PHE E 21 -25.07 -8.42 22.61
C PHE E 21 -23.88 -9.18 22.04
N LEU E 22 -22.71 -8.54 22.03
CA LEU E 22 -21.51 -9.18 21.52
C LEU E 22 -21.18 -10.39 22.37
N ARG E 23 -20.91 -11.52 21.72
CA ARG E 23 -20.65 -12.77 22.43
C ARG E 23 -19.37 -13.47 21.98
N ILE E 24 -18.59 -13.92 22.96
CA ILE E 24 -17.36 -14.64 22.66
C ILE E 24 -17.56 -16.06 23.20
N LEU E 25 -17.92 -16.98 22.32
CA LEU E 25 -18.13 -18.37 22.72
C LEU E 25 -16.80 -19.04 23.07
N PRO E 26 -16.84 -20.04 23.97
CA PRO E 26 -15.64 -20.78 24.42
C PRO E 26 -14.75 -21.35 23.32
N ASP E 27 -15.30 -21.63 22.15
CA ASP E 27 -14.50 -22.20 21.07
C ASP E 27 -13.80 -21.12 20.26
N GLY E 28 -13.99 -19.86 20.67
CA GLY E 28 -13.35 -18.75 19.96
C GLY E 28 -14.26 -18.11 18.94
N THR E 29 -15.48 -18.65 18.81
CA THR E 29 -16.44 -18.11 17.87
C THR E 29 -16.99 -16.80 18.44
N VAL E 30 -16.98 -15.76 17.62
CA VAL E 30 -17.50 -14.47 18.05
C VAL E 30 -18.74 -14.19 17.24
N ASP E 31 -19.83 -13.89 17.92
CA ASP E 31 -21.08 -13.58 17.25
C ASP E 31 -21.96 -12.72 18.16
N GLY E 32 -23.24 -12.63 17.82
CA GLY E 32 -24.14 -11.84 18.63
C GLY E 32 -25.36 -12.63 19.06
N THR E 33 -25.93 -12.27 20.20
CA THR E 33 -27.12 -12.93 20.70
C THR E 33 -28.04 -11.90 21.35
N ARG E 34 -29.35 -12.10 21.21
CA ARG E 34 -30.32 -11.20 21.78
C ARG E 34 -30.69 -11.63 23.19
N ASP E 35 -30.13 -12.75 23.62
CA ASP E 35 -30.39 -13.27 24.95
C ASP E 35 -29.46 -12.58 25.94
N ARG E 36 -30.03 -11.77 26.82
CA ARG E 36 -29.25 -11.04 27.80
C ARG E 36 -28.76 -11.89 28.95
N SER E 37 -29.32 -13.09 29.08
CA SER E 37 -28.93 -14.01 30.15
C SER E 37 -27.69 -14.84 29.79
N ASP E 38 -27.37 -14.89 28.50
CA ASP E 38 -26.22 -15.64 28.00
C ASP E 38 -24.98 -15.30 28.83
N GLN E 39 -24.30 -16.32 29.34
CA GLN E 39 -23.11 -16.09 30.16
C GLN E 39 -21.86 -15.72 29.36
N HIS E 40 -21.95 -15.75 28.03
CA HIS E 40 -20.78 -15.42 27.22
C HIS E 40 -20.75 -14.02 26.60
N ILE E 41 -21.68 -13.16 27.03
CA ILE E 41 -21.73 -11.80 26.52
C ILE E 41 -21.22 -10.85 27.59
N GLN E 42 -20.86 -11.39 28.76
CA GLN E 42 -20.37 -10.56 29.85
C GLN E 42 -18.90 -10.24 29.65
N LEU E 43 -18.64 -8.99 29.30
CA LEU E 43 -17.30 -8.53 29.00
C LEU E 43 -16.67 -7.55 29.98
N GLN E 44 -15.35 -7.48 29.93
CA GLN E 44 -14.58 -6.58 30.75
C GLN E 44 -13.66 -5.83 29.81
N LEU E 45 -13.72 -4.50 29.84
CA LEU E 45 -12.87 -3.69 29.00
C LEU E 45 -11.74 -3.14 29.85
N SER E 46 -10.51 -3.44 29.46
CA SER E 46 -9.35 -2.97 30.20
C SER E 46 -8.50 -2.08 29.28
N ALA E 47 -8.20 -0.88 29.74
CA ALA E 47 -7.41 0.04 28.95
C ALA E 47 -5.94 -0.01 29.29
N GLU E 48 -5.16 -0.66 28.44
CA GLU E 48 -3.73 -0.73 28.64
C GLU E 48 -3.23 0.71 28.47
N SER E 49 -2.91 1.08 27.23
CA SER E 49 -2.48 2.43 26.95
C SER E 49 -3.74 3.26 26.81
N VAL E 50 -3.61 4.58 26.86
CA VAL E 50 -4.79 5.45 26.74
C VAL E 50 -5.48 5.27 25.39
N GLY E 51 -6.80 5.16 25.39
CA GLY E 51 -7.54 5.01 24.15
C GLY E 51 -7.59 3.60 23.59
N GLU E 52 -6.74 2.72 24.10
CA GLU E 52 -6.70 1.33 23.64
C GLU E 52 -7.36 0.44 24.67
N VAL E 53 -8.08 -0.59 24.22
CA VAL E 53 -8.73 -1.49 25.15
C VAL E 53 -8.64 -2.95 24.74
N TYR E 54 -8.75 -3.81 25.74
CA TYR E 54 -8.79 -5.25 25.55
C TYR E 54 -10.24 -5.53 25.87
N ILE E 55 -10.86 -6.42 25.10
CA ILE E 55 -12.25 -6.78 25.35
C ILE E 55 -12.19 -8.26 25.71
N LYS E 56 -12.40 -8.57 26.99
CA LYS E 56 -12.30 -9.94 27.45
C LYS E 56 -13.53 -10.52 28.11
N SER E 57 -13.79 -11.80 27.81
CA SER E 57 -14.91 -12.52 28.36
C SER E 57 -14.64 -12.82 29.83
N THR E 58 -15.51 -12.35 30.71
CA THR E 58 -15.34 -12.59 32.14
C THR E 58 -15.60 -14.05 32.47
N GLU E 59 -16.27 -14.75 31.55
CA GLU E 59 -16.59 -16.16 31.73
C GLU E 59 -15.42 -17.09 31.42
N THR E 60 -14.79 -16.88 30.26
CA THR E 60 -13.68 -17.75 29.83
C THR E 60 -12.30 -17.14 29.91
N GLY E 61 -12.22 -15.82 30.03
CA GLY E 61 -10.92 -15.18 30.09
C GLY E 61 -10.37 -14.89 28.70
N GLN E 62 -11.13 -15.27 27.67
CA GLN E 62 -10.71 -15.05 26.30
C GLN E 62 -10.79 -13.59 25.86
N TYR E 63 -9.91 -13.21 24.93
CA TYR E 63 -9.84 -11.86 24.43
C TYR E 63 -10.39 -11.75 23.01
N LEU E 64 -11.17 -10.70 22.77
CA LEU E 64 -11.70 -10.46 21.45
C LEU E 64 -10.48 -10.11 20.59
N ALA E 65 -10.48 -10.57 19.34
CA ALA E 65 -9.35 -10.27 18.47
C ALA E 65 -9.83 -10.30 17.03
N MET E 66 -9.03 -9.73 16.15
CA MET E 66 -9.37 -9.71 14.74
C MET E 66 -8.14 -10.20 13.98
N ASP E 67 -8.29 -11.27 13.20
CA ASP E 67 -7.17 -11.82 12.45
C ASP E 67 -6.84 -10.99 11.21
N THR E 68 -5.76 -11.37 10.55
CA THR E 68 -5.30 -10.68 9.35
C THR E 68 -6.35 -10.65 8.24
N ASP E 69 -7.42 -11.42 8.40
CA ASP E 69 -8.48 -11.44 7.41
C ASP E 69 -9.63 -10.49 7.80
N GLY E 70 -9.59 -9.96 9.01
CA GLY E 70 -10.64 -9.05 9.45
C GLY E 70 -11.77 -9.77 10.16
N LEU E 71 -11.56 -11.05 10.45
CA LEU E 71 -12.56 -11.86 11.13
C LEU E 71 -12.30 -11.84 12.63
N LEU E 72 -13.35 -11.64 13.41
CA LEU E 72 -13.24 -11.61 14.86
C LEU E 72 -13.16 -13.03 15.43
N TYR E 73 -12.37 -13.22 16.48
CA TYR E 73 -12.25 -14.52 17.11
C TYR E 73 -11.86 -14.33 18.57
N GLY E 74 -12.10 -15.36 19.37
CA GLY E 74 -11.76 -15.30 20.78
C GLY E 74 -10.39 -15.92 20.97
N SER E 75 -9.46 -15.15 21.50
CA SER E 75 -8.11 -15.63 21.73
C SER E 75 -7.97 -16.00 23.21
N GLN E 76 -7.44 -17.18 23.49
CA GLN E 76 -7.28 -17.60 24.88
C GLN E 76 -6.14 -16.83 25.53
N THR E 77 -5.26 -16.28 24.71
CA THR E 77 -4.14 -15.50 25.22
C THR E 77 -4.13 -14.12 24.56
N PRO E 78 -3.78 -13.09 25.32
CA PRO E 78 -3.76 -11.74 24.75
C PRO E 78 -2.57 -11.56 23.80
N ASN E 79 -2.82 -10.93 22.66
CA ASN E 79 -1.77 -10.69 21.69
C ASN E 79 -2.05 -9.42 20.91
N GLU E 80 -1.16 -9.10 19.97
CA GLU E 80 -1.28 -7.89 19.15
C GLU E 80 -2.65 -7.71 18.52
N GLU E 81 -3.27 -8.81 18.10
CA GLU E 81 -4.57 -8.75 17.43
C GLU E 81 -5.74 -8.53 18.38
N CYS E 82 -5.47 -8.43 19.68
CA CYS E 82 -6.51 -8.24 20.69
C CYS E 82 -6.72 -6.79 21.11
N LEU E 83 -5.87 -5.90 20.63
CA LEU E 83 -5.99 -4.48 21.00
C LEU E 83 -6.92 -3.72 20.05
N PHE E 84 -7.80 -2.93 20.64
CA PHE E 84 -8.75 -2.13 19.86
C PHE E 84 -8.71 -0.67 20.28
N LEU E 85 -8.86 0.23 19.32
CA LEU E 85 -8.89 1.65 19.61
C LEU E 85 -10.36 2.01 19.87
N GLU E 86 -10.66 2.46 21.08
CA GLU E 86 -12.02 2.79 21.44
C GLU E 86 -12.36 4.23 21.08
N ARG E 87 -13.55 4.43 20.53
CA ARG E 87 -13.98 5.76 20.15
C ARG E 87 -15.44 5.99 20.54
N LEU E 88 -15.75 7.22 20.93
CA LEU E 88 -17.10 7.64 21.33
C LEU E 88 -17.62 8.48 20.18
N GLU E 89 -18.56 7.97 19.39
CA GLU E 89 -19.06 8.75 18.26
C GLU E 89 -20.20 9.73 18.64
N GLU E 90 -20.72 10.42 17.62
CA GLU E 90 -21.77 11.42 17.76
C GLU E 90 -22.85 11.18 18.82
N ASN E 91 -23.49 10.02 18.77
CA ASN E 91 -24.56 9.72 19.71
C ASN E 91 -24.09 8.97 20.94
N HIS E 92 -22.80 9.09 21.22
CA HIS E 92 -22.19 8.44 22.37
C HIS E 92 -22.16 6.93 22.33
N TYR E 93 -22.24 6.37 21.12
CA TYR E 93 -22.15 4.92 20.96
C TYR E 93 -20.64 4.68 20.85
N ASN E 94 -20.16 3.53 21.27
CA ASN E 94 -18.74 3.27 21.15
C ASN E 94 -18.44 2.40 19.93
N THR E 95 -17.34 2.70 19.25
CA THR E 95 -16.92 1.91 18.11
C THR E 95 -15.53 1.40 18.45
N TYR E 96 -15.17 0.24 17.90
CA TYR E 96 -13.87 -0.35 18.17
C TYR E 96 -13.14 -0.69 16.89
N ILE E 97 -11.93 -0.16 16.76
CA ILE E 97 -11.12 -0.41 15.58
C ILE E 97 -9.91 -1.27 15.91
N SER E 98 -9.61 -2.21 15.02
CA SER E 98 -8.45 -3.06 15.21
C SER E 98 -7.24 -2.14 15.23
N LYS E 99 -6.45 -2.20 16.31
CA LYS E 99 -5.27 -1.36 16.38
C LYS E 99 -4.28 -1.82 15.31
N LYS E 100 -4.04 -3.12 15.24
CA LYS E 100 -3.11 -3.68 14.27
C LYS E 100 -3.48 -3.22 12.85
N HIS E 101 -4.78 -3.16 12.57
CA HIS E 101 -5.27 -2.74 11.25
C HIS E 101 -5.93 -1.36 11.29
N ALA E 102 -5.51 -0.53 12.24
CA ALA E 102 -6.07 0.80 12.39
C ALA E 102 -6.07 1.61 11.11
N GLU E 103 -4.95 1.53 10.37
CA GLU E 103 -4.80 2.25 9.11
C GLU E 103 -5.96 1.99 8.16
N LYS E 104 -6.44 0.75 8.17
CA LYS E 104 -7.55 0.35 7.30
C LYS E 104 -8.93 0.59 7.91
N ASN E 105 -8.97 1.06 9.15
CA ASN E 105 -10.24 1.32 9.82
C ASN E 105 -11.16 0.11 9.89
N TRP E 106 -10.60 -1.03 10.28
CA TRP E 106 -11.39 -2.25 10.40
C TRP E 106 -12.09 -2.26 11.75
N PHE E 107 -13.40 -2.11 11.73
CA PHE E 107 -14.18 -2.08 12.96
C PHE E 107 -14.70 -3.43 13.42
N VAL E 108 -15.05 -3.49 14.70
CA VAL E 108 -15.67 -4.66 15.29
C VAL E 108 -17.11 -4.38 14.89
N GLY E 109 -17.83 -5.41 14.43
CA GLY E 109 -19.21 -5.19 14.02
C GLY E 109 -20.02 -6.47 13.91
N LEU E 110 -21.34 -6.32 14.05
CA LEU E 110 -22.27 -7.45 13.96
C LEU E 110 -23.35 -7.17 12.92
N LYS E 111 -23.57 -8.11 12.01
CA LYS E 111 -24.59 -7.93 10.99
C LYS E 111 -25.94 -7.98 11.70
N LYS E 112 -27.01 -7.67 10.97
CA LYS E 112 -28.34 -7.70 11.57
C LYS E 112 -28.71 -9.12 11.97
N ASN E 113 -28.11 -10.11 11.29
CA ASN E 113 -28.39 -11.52 11.57
C ASN E 113 -27.66 -12.05 12.80
N GLY E 114 -26.72 -11.29 13.34
CA GLY E 114 -26.00 -11.75 14.51
C GLY E 114 -24.58 -12.27 14.28
N SER E 115 -24.17 -12.39 13.02
CA SER E 115 -22.83 -12.87 12.73
C SER E 115 -21.86 -11.70 12.60
N CYS E 116 -20.57 -11.98 12.81
CA CYS E 116 -19.53 -10.96 12.73
C CYS E 116 -19.44 -10.33 11.35
N LYS E 117 -19.14 -9.04 11.31
CA LYS E 117 -18.99 -8.36 10.02
C LYS E 117 -17.49 -8.14 9.82
N ARG E 118 -16.92 -8.85 8.85
CA ARG E 118 -15.49 -8.75 8.56
C ARG E 118 -14.99 -7.31 8.53
N GLY E 119 -13.83 -7.09 9.14
CA GLY E 119 -13.25 -5.76 9.19
C GLY E 119 -13.26 -5.01 7.87
N PRO E 120 -12.74 -5.61 6.78
CA PRO E 120 -12.71 -4.95 5.48
C PRO E 120 -14.09 -4.59 4.91
N ARG E 121 -15.15 -5.12 5.53
CA ARG E 121 -16.49 -4.82 5.06
C ARG E 121 -17.18 -3.80 5.96
N THR E 122 -16.49 -3.39 7.02
CA THR E 122 -17.06 -2.39 7.93
C THR E 122 -16.68 -0.99 7.47
N HIS E 123 -17.46 0.00 7.87
CA HIS E 123 -17.17 1.38 7.51
C HIS E 123 -18.01 2.34 8.33
N TYR E 124 -17.55 3.59 8.45
CA TYR E 124 -18.27 4.62 9.20
C TYR E 124 -19.72 4.65 8.75
N GLY E 125 -20.63 4.95 9.68
CA GLY E 125 -22.03 5.03 9.31
C GLY E 125 -22.85 3.76 9.48
N GLN E 126 -22.19 2.60 9.51
CA GLN E 126 -22.93 1.34 9.67
C GLN E 126 -23.40 1.18 11.10
N LYS E 127 -24.66 0.81 11.29
CA LYS E 127 -25.15 0.59 12.64
C LYS E 127 -24.41 -0.64 13.16
N ALA E 128 -23.88 -1.42 12.22
CA ALA E 128 -23.12 -2.62 12.54
C ALA E 128 -21.96 -2.40 13.50
N ILE E 129 -21.30 -1.25 13.40
CA ILE E 129 -20.15 -0.96 14.27
C ILE E 129 -20.51 -0.17 15.54
N LEU E 130 -21.78 0.16 15.71
CA LEU E 130 -22.24 0.94 16.86
C LEU E 130 -22.60 0.08 18.05
N PHE E 131 -21.86 0.25 19.14
CA PHE E 131 -22.11 -0.51 20.35
C PHE E 131 -22.44 0.36 21.56
N LEU E 132 -23.33 -0.16 22.39
CA LEU E 132 -23.75 0.55 23.59
C LEU E 132 -23.42 -0.31 24.79
N PRO E 133 -22.54 0.17 25.68
CA PRO E 133 -22.19 -0.60 26.87
C PRO E 133 -23.36 -0.53 27.86
N LEU E 134 -23.85 -1.70 28.29
CA LEU E 134 -24.96 -1.76 29.25
C LEU E 134 -24.60 -2.60 30.47
N PRO E 135 -25.31 -2.39 31.58
CA PRO E 135 -25.06 -3.16 32.80
C PRO E 135 -25.48 -4.61 32.54
N VAL E 136 -24.98 -5.54 33.34
CA VAL E 136 -25.35 -6.94 33.15
C VAL E 136 -26.84 -7.14 33.43
N SER E 137 -27.27 -6.70 34.61
CA SER E 137 -28.67 -6.83 35.02
C SER E 137 -29.54 -5.82 34.29
N SER E 138 -30.46 -6.25 33.56
N LYS F 9 16.63 -23.28 -10.00
CA LYS F 9 15.33 -23.84 -10.46
C LYS F 9 15.31 -24.03 -11.98
N PRO F 10 14.68 -25.13 -12.44
CA PRO F 10 14.58 -25.45 -13.88
C PRO F 10 13.45 -24.67 -14.55
N LYS F 11 13.50 -24.60 -15.88
CA LYS F 11 12.47 -23.90 -16.62
C LYS F 11 12.16 -24.59 -17.94
N LEU F 12 11.09 -24.15 -18.57
CA LEU F 12 10.66 -24.73 -19.84
C LEU F 12 10.92 -23.74 -20.96
N LEU F 13 11.30 -24.23 -22.13
CA LEU F 13 11.51 -23.35 -23.28
C LEU F 13 10.32 -23.58 -24.19
N TYR F 14 9.40 -22.62 -24.17
CA TYR F 14 8.17 -22.67 -24.95
C TYR F 14 8.31 -22.02 -26.31
N CYS F 15 8.00 -22.78 -27.35
CA CYS F 15 8.11 -22.28 -28.71
C CYS F 15 6.77 -21.80 -29.20
N SER F 16 6.64 -20.50 -29.40
CA SER F 16 5.40 -19.88 -29.83
C SER F 16 4.91 -20.41 -31.18
N ASN F 17 5.82 -20.87 -32.02
CA ASN F 17 5.47 -21.39 -33.34
C ASN F 17 4.32 -22.39 -33.28
N GLY F 18 4.60 -23.58 -32.76
CA GLY F 18 3.56 -24.59 -32.65
C GLY F 18 3.06 -24.77 -31.22
N GLY F 19 3.65 -24.00 -30.30
CA GLY F 19 3.23 -24.10 -28.90
C GLY F 19 3.81 -25.30 -28.19
N HIS F 20 5.01 -25.71 -28.60
CA HIS F 20 5.68 -26.86 -28.02
C HIS F 20 6.75 -26.47 -27.01
N PHE F 21 7.03 -27.36 -26.08
CA PHE F 21 8.08 -27.14 -25.09
C PHE F 21 9.26 -27.92 -25.62
N LEU F 22 10.43 -27.29 -25.69
CA LEU F 22 11.62 -27.96 -26.19
C LEU F 22 11.96 -29.17 -25.31
N ARG F 23 12.12 -30.33 -25.94
CA ARG F 23 12.40 -31.56 -25.22
C ARG F 23 13.68 -32.27 -25.65
N ILE F 24 14.45 -32.74 -24.68
CA ILE F 24 15.69 -33.45 -24.95
C ILE F 24 15.53 -34.85 -24.35
N LEU F 25 15.11 -35.79 -25.17
CA LEU F 25 14.91 -37.18 -24.73
C LEU F 25 16.25 -37.82 -24.38
N PRO F 26 16.26 -38.75 -23.41
CA PRO F 26 17.49 -39.43 -22.99
C PRO F 26 18.35 -40.06 -24.09
N ASP F 27 17.75 -40.35 -25.24
CA ASP F 27 18.51 -40.95 -26.33
C ASP F 27 19.19 -39.89 -27.19
N GLY F 28 19.02 -38.62 -26.82
CA GLY F 28 19.63 -37.53 -27.56
C GLY F 28 18.73 -36.96 -28.63
N THR F 29 17.50 -37.44 -28.71
CA THR F 29 16.56 -36.94 -29.70
C THR F 29 15.93 -35.65 -29.19
N VAL F 30 16.08 -34.58 -29.96
CA VAL F 30 15.51 -33.29 -29.59
C VAL F 30 14.27 -33.01 -30.43
N ASP F 31 13.16 -32.68 -29.77
CA ASP F 31 11.92 -32.37 -30.45
C ASP F 31 11.04 -31.53 -29.55
N GLY F 32 9.76 -31.44 -29.87
CA GLY F 32 8.86 -30.64 -29.05
C GLY F 32 7.66 -31.42 -28.58
N THR F 33 7.08 -30.99 -27.45
CA THR F 33 5.90 -31.65 -26.89
C THR F 33 5.03 -30.61 -26.21
N ARG F 34 3.71 -30.77 -26.33
CA ARG F 34 2.77 -29.85 -25.71
C ARG F 34 2.47 -30.30 -24.29
N ASP F 35 2.96 -31.48 -23.93
CA ASP F 35 2.72 -32.03 -22.60
C ASP F 35 3.64 -31.34 -21.59
N ARG F 36 3.07 -30.39 -20.85
CA ARG F 36 3.83 -29.63 -19.86
C ARG F 36 4.30 -30.47 -18.68
N SER F 37 3.78 -31.70 -18.57
CA SER F 37 4.17 -32.58 -17.48
C SER F 37 5.39 -33.44 -17.85
N ASP F 38 5.65 -33.54 -19.16
CA ASP F 38 6.78 -34.33 -19.65
C ASP F 38 8.02 -34.05 -18.80
N GLN F 39 8.70 -35.09 -18.35
CA GLN F 39 9.88 -34.92 -17.52
C GLN F 39 11.12 -34.44 -18.28
N HIS F 40 11.10 -34.55 -19.60
CA HIS F 40 12.27 -34.16 -20.38
C HIS F 40 12.24 -32.79 -21.05
N ILE F 41 11.36 -31.92 -20.58
CA ILE F 41 11.27 -30.56 -21.10
C ILE F 41 11.78 -29.61 -20.03
N GLN F 42 12.13 -30.16 -18.88
CA GLN F 42 12.63 -29.34 -17.78
C GLN F 42 14.11 -29.10 -18.02
N LEU F 43 14.42 -27.84 -18.35
CA LEU F 43 15.78 -27.45 -18.67
C LEU F 43 16.38 -26.44 -17.71
N GLN F 44 17.70 -26.36 -17.74
CA GLN F 44 18.45 -25.42 -16.92
C GLN F 44 19.35 -24.68 -17.89
N LEU F 45 19.15 -23.37 -17.99
CA LEU F 45 19.97 -22.57 -18.89
C LEU F 45 21.15 -22.01 -18.11
N SER F 46 22.28 -22.69 -18.22
CA SER F 46 23.50 -22.27 -17.53
C SER F 46 24.35 -21.44 -18.48
N ALA F 47 24.60 -20.20 -18.11
CA ALA F 47 25.40 -19.31 -18.95
C ALA F 47 26.87 -19.31 -18.59
N GLU F 48 27.69 -19.89 -19.47
CA GLU F 48 29.13 -19.92 -19.26
C GLU F 48 29.56 -18.46 -19.12
N SER F 49 29.82 -17.81 -20.26
CA SER F 49 30.19 -16.40 -20.26
C SER F 49 28.95 -15.66 -20.72
N VAL F 50 28.90 -14.35 -20.46
CA VAL F 50 27.77 -13.53 -20.86
C VAL F 50 27.47 -13.68 -22.36
N GLY F 51 26.18 -13.70 -22.69
CA GLY F 51 25.79 -13.82 -24.08
C GLY F 51 25.59 -15.25 -24.57
N GLU F 52 26.27 -16.19 -23.93
CA GLU F 52 26.15 -17.60 -24.29
C GLU F 52 25.63 -18.43 -23.13
N VAL F 53 24.96 -19.54 -23.46
CA VAL F 53 24.41 -20.41 -22.43
C VAL F 53 24.41 -21.86 -22.85
N TYR F 54 24.22 -22.72 -21.86
CA TYR F 54 24.12 -24.16 -22.07
C TYR F 54 22.68 -24.50 -21.76
N ILE F 55 22.07 -25.32 -22.61
CA ILE F 55 20.70 -25.74 -22.38
C ILE F 55 20.80 -27.23 -22.07
N LYS F 56 20.62 -27.56 -20.81
CA LYS F 56 20.74 -28.94 -20.35
C LYS F 56 19.52 -29.51 -19.66
N SER F 57 19.26 -30.79 -19.90
CA SER F 57 18.13 -31.47 -19.28
C SER F 57 18.42 -31.69 -17.80
N THR F 58 17.50 -31.27 -16.95
CA THR F 58 17.67 -31.42 -15.51
C THR F 58 17.41 -32.88 -15.12
N GLU F 59 16.84 -33.64 -16.04
CA GLU F 59 16.51 -35.04 -15.82
C GLU F 59 17.66 -35.98 -16.19
N THR F 60 18.26 -35.77 -17.36
CA THR F 60 19.34 -36.63 -17.83
C THR F 60 20.73 -36.01 -17.77
N GLY F 61 20.80 -34.69 -17.67
CA GLY F 61 22.09 -34.03 -17.62
C GLY F 61 22.70 -33.84 -19.00
N GLN F 62 21.94 -34.18 -20.04
CA GLN F 62 22.42 -34.01 -21.41
C GLN F 62 22.36 -32.56 -21.88
N TYR F 63 23.19 -32.22 -22.86
CA TYR F 63 23.25 -30.86 -23.39
C TYR F 63 22.68 -30.72 -24.79
N LEU F 64 21.89 -29.67 -24.99
CA LEU F 64 21.33 -29.41 -26.30
C LEU F 64 22.56 -29.08 -27.14
N ALA F 65 22.55 -29.51 -28.39
CA ALA F 65 23.67 -29.26 -29.27
C ALA F 65 23.18 -29.30 -30.70
N MET F 66 23.99 -28.78 -31.62
CA MET F 66 23.64 -28.77 -33.03
C MET F 66 24.87 -29.25 -33.81
N ASP F 67 24.67 -30.27 -34.63
CA ASP F 67 25.77 -30.83 -35.43
C ASP F 67 26.08 -29.97 -36.65
N THR F 68 27.21 -30.27 -37.28
CA THR F 68 27.65 -29.53 -38.46
C THR F 68 26.60 -29.46 -39.56
N ASP F 69 25.50 -30.17 -39.38
CA ASP F 69 24.42 -30.17 -40.37
C ASP F 69 23.18 -29.39 -39.91
N GLY F 70 23.30 -28.67 -38.81
CA GLY F 70 22.18 -27.90 -38.31
C GLY F 70 21.10 -28.67 -37.56
N LEU F 71 21.36 -29.94 -37.28
CA LEU F 71 20.38 -30.76 -36.57
C LEU F 71 20.62 -30.73 -35.06
N LEU F 72 19.55 -30.59 -34.30
CA LEU F 72 19.64 -30.55 -32.83
C LEU F 72 19.78 -31.98 -32.30
N TYR F 73 20.49 -32.13 -31.19
CA TYR F 73 20.68 -33.44 -30.58
C TYR F 73 21.13 -33.29 -29.13
N GLY F 74 20.83 -34.30 -28.32
CA GLY F 74 21.23 -34.28 -26.93
C GLY F 74 22.59 -34.91 -26.76
N SER F 75 23.54 -34.17 -26.21
CA SER F 75 24.88 -34.68 -25.99
C SER F 75 25.05 -35.02 -24.53
N GLN F 76 25.59 -36.20 -24.26
CA GLN F 76 25.81 -36.62 -22.87
C GLN F 76 27.01 -35.87 -22.29
N THR F 77 27.83 -35.31 -23.17
CA THR F 77 29.01 -34.56 -22.76
C THR F 77 28.98 -33.15 -23.35
N PRO F 78 29.26 -32.12 -22.53
CA PRO F 78 29.26 -30.74 -23.02
C PRO F 78 30.47 -30.42 -23.88
N ASN F 79 30.24 -30.15 -25.15
CA ASN F 79 31.32 -29.82 -26.08
C ASN F 79 31.08 -28.46 -26.75
N GLU F 80 31.80 -28.20 -27.83
CA GLU F 80 31.67 -26.92 -28.52
C GLU F 80 30.37 -26.75 -29.29
N GLU F 81 29.73 -27.86 -29.66
CA GLU F 81 28.47 -27.78 -30.40
C GLU F 81 27.30 -27.56 -29.44
N CYS F 82 27.62 -27.42 -28.16
CA CYS F 82 26.61 -27.21 -27.13
C CYS F 82 26.44 -25.75 -26.73
N LEU F 83 27.28 -24.89 -27.28
CA LEU F 83 27.23 -23.47 -26.98
C LEU F 83 26.21 -22.73 -27.83
N PHE F 84 25.45 -21.86 -27.18
CA PHE F 84 24.41 -21.08 -27.85
C PHE F 84 24.43 -19.64 -27.37
N LEU F 85 24.31 -18.71 -28.31
CA LEU F 85 24.29 -17.30 -27.99
C LEU F 85 22.84 -16.90 -27.76
N GLU F 86 22.52 -16.52 -26.54
CA GLU F 86 21.15 -16.13 -26.19
C GLU F 86 20.90 -14.65 -26.41
N ARG F 87 19.90 -14.35 -27.24
CA ARG F 87 19.54 -12.97 -27.55
C ARG F 87 18.04 -12.69 -27.42
N LEU F 88 17.73 -11.45 -27.08
CA LEU F 88 16.35 -11.01 -26.93
C LEU F 88 15.95 -10.33 -28.23
N GLU F 89 14.80 -10.70 -28.79
CA GLU F 89 14.36 -10.07 -30.03
C GLU F 89 13.28 -9.04 -29.72
N GLU F 90 12.92 -8.25 -30.72
CA GLU F 90 11.93 -7.18 -30.58
C GLU F 90 10.84 -7.42 -29.54
N ASN F 91 10.08 -8.49 -29.73
CA ASN F 91 8.96 -8.83 -28.85
C ASN F 91 9.33 -9.50 -27.53
N HIS F 92 10.59 -9.36 -27.13
CA HIS F 92 11.10 -9.94 -25.89
C HIS F 92 11.07 -11.46 -25.77
N TYR F 93 11.14 -12.12 -26.91
CA TYR F 93 11.20 -13.57 -26.97
C TYR F 93 12.70 -13.84 -27.04
N ASN F 94 13.11 -15.04 -26.63
CA ASN F 94 14.51 -15.42 -26.67
C ASN F 94 14.77 -16.26 -27.90
N THR F 95 15.95 -16.10 -28.47
CA THR F 95 16.34 -16.89 -29.63
C THR F 95 17.73 -17.41 -29.26
N TYR F 96 18.08 -18.57 -29.77
CA TYR F 96 19.38 -19.15 -29.47
C TYR F 96 20.06 -19.54 -30.77
N ILE F 97 21.28 -19.05 -30.95
CA ILE F 97 22.02 -19.34 -32.16
C ILE F 97 23.22 -20.22 -31.83
N SER F 98 23.50 -21.17 -32.72
CA SER F 98 24.65 -22.05 -32.55
C SER F 98 25.90 -21.18 -32.54
N LYS F 99 26.68 -21.25 -31.47
CA LYS F 99 27.88 -20.44 -31.39
C LYS F 99 28.91 -20.84 -32.46
N LYS F 100 29.30 -22.11 -32.48
CA LYS F 100 30.27 -22.57 -33.46
C LYS F 100 29.82 -22.27 -34.89
N HIS F 101 28.51 -22.20 -35.10
CA HIS F 101 27.96 -21.91 -36.43
C HIS F 101 27.30 -20.53 -36.42
N ALA F 102 27.69 -19.69 -35.48
CA ALA F 102 27.13 -18.35 -35.36
C ALA F 102 27.13 -17.56 -36.67
N GLU F 103 28.27 -17.55 -37.36
CA GLU F 103 28.40 -16.81 -38.61
C GLU F 103 27.32 -17.12 -39.65
N LYS F 104 26.62 -18.24 -39.48
CA LYS F 104 25.57 -18.63 -40.42
C LYS F 104 24.20 -18.37 -39.81
N ASN F 105 24.20 -17.95 -38.54
CA ASN F 105 22.96 -17.67 -37.82
C ASN F 105 22.05 -18.89 -37.78
N TRP F 106 22.59 -20.01 -37.31
CA TRP F 106 21.80 -21.24 -37.20
C TRP F 106 21.08 -21.21 -35.86
N PHE F 107 19.76 -21.10 -35.92
CA PHE F 107 18.92 -21.03 -34.73
C PHE F 107 18.36 -22.36 -34.23
N VAL F 108 18.01 -22.36 -32.95
CA VAL F 108 17.37 -23.51 -32.32
C VAL F 108 15.93 -23.26 -32.75
N GLY F 109 15.26 -24.28 -33.26
CA GLY F 109 13.88 -24.05 -33.69
C GLY F 109 12.99 -25.28 -33.77
N LEU F 110 11.69 -25.06 -33.60
CA LEU F 110 10.71 -26.13 -33.65
C LEU F 110 9.59 -25.80 -34.64
N LYS F 111 9.30 -26.75 -35.52
CA LYS F 111 8.23 -26.55 -36.50
C LYS F 111 6.89 -26.60 -35.79
N LYS F 112 5.84 -26.19 -36.49
CA LYS F 112 4.50 -26.18 -35.91
C LYS F 112 4.03 -27.58 -35.52
N ASN F 113 4.56 -28.59 -36.20
CA ASN F 113 4.18 -29.98 -35.92
C ASN F 113 4.92 -30.55 -34.73
N GLY F 114 5.99 -29.87 -34.31
CA GLY F 114 6.75 -30.34 -33.16
C GLY F 114 8.15 -30.84 -33.48
N SER F 115 8.42 -31.08 -34.75
CA SER F 115 9.74 -31.54 -35.17
C SER F 115 10.73 -30.40 -35.13
N CYS F 116 11.99 -30.71 -34.85
CA CYS F 116 13.03 -29.69 -34.81
C CYS F 116 13.21 -29.11 -36.20
N LYS F 117 13.90 -27.98 -36.29
CA LYS F 117 14.15 -27.35 -37.57
C LYS F 117 15.66 -27.22 -37.77
N ARG F 118 16.14 -27.71 -38.91
CA ARG F 118 17.56 -27.64 -39.21
C ARG F 118 18.07 -26.21 -39.21
N GLY F 119 19.24 -26.00 -38.62
CA GLY F 119 19.83 -24.67 -38.57
C GLY F 119 19.83 -23.95 -39.89
N PRO F 120 20.25 -24.60 -40.99
CA PRO F 120 20.29 -23.97 -42.31
C PRO F 120 18.92 -23.60 -42.85
N ARG F 121 17.87 -24.07 -42.18
CA ARG F 121 16.51 -23.78 -42.63
C ARG F 121 15.85 -22.74 -41.73
N THR F 122 16.60 -22.21 -40.77
CA THR F 122 16.08 -21.20 -39.87
C THR F 122 16.54 -19.80 -40.28
N HIS F 123 15.76 -18.81 -39.90
CA HIS F 123 16.10 -17.43 -40.22
C HIS F 123 15.18 -16.47 -39.47
N TYR F 124 15.63 -15.24 -39.32
CA TYR F 124 14.86 -14.20 -38.63
C TYR F 124 13.43 -14.18 -39.17
N GLY F 125 12.49 -13.81 -38.31
CA GLY F 125 11.10 -13.74 -38.74
C GLY F 125 10.30 -15.03 -38.58
N GLN F 126 10.95 -16.09 -38.13
CA GLN F 126 10.25 -17.36 -37.96
C GLN F 126 9.76 -17.53 -36.53
N LYS F 127 8.51 -17.95 -36.37
CA LYS F 127 7.97 -18.17 -35.03
C LYS F 127 8.63 -19.43 -34.47
N ALA F 128 9.26 -20.19 -35.36
CA ALA F 128 9.94 -21.42 -34.98
C ALA F 128 11.18 -21.17 -34.13
N ILE F 129 11.75 -19.98 -34.21
CA ILE F 129 12.93 -19.66 -33.43
C ILE F 129 12.62 -18.84 -32.19
N LEU F 130 11.35 -18.48 -32.02
CA LEU F 130 10.93 -17.68 -30.87
C LEU F 130 10.62 -18.54 -29.66
N PHE F 131 11.39 -18.35 -28.60
CA PHE F 131 11.20 -19.12 -27.37
C PHE F 131 10.90 -18.25 -26.16
N LEU F 132 10.09 -18.78 -25.26
CA LEU F 132 9.71 -18.06 -24.06
C LEU F 132 10.02 -18.96 -22.86
N PRO F 133 10.91 -18.51 -21.97
CA PRO F 133 11.24 -19.32 -20.79
C PRO F 133 10.04 -19.28 -19.86
N LEU F 134 9.61 -20.45 -19.39
CA LEU F 134 8.46 -20.54 -18.49
C LEU F 134 8.73 -21.42 -17.28
N PRO F 135 8.04 -21.16 -16.17
CA PRO F 135 8.23 -21.98 -14.96
C PRO F 135 7.64 -23.36 -15.26
N VAL F 136 8.08 -24.38 -14.54
CA VAL F 136 7.57 -25.72 -14.77
C VAL F 136 6.09 -25.81 -14.40
N SER F 137 5.74 -25.40 -13.27
S N2M G . -18.93 24.79 16.15
O1S N2M G . -19.55 25.67 17.56
O2S N2M G . -17.33 24.32 16.62
O3S N2M G . -18.70 26.08 14.99
C1 N2M G . -21.06 23.23 15.55
C2 N2M G . -19.76 23.48 15.31
C3 N2M G . -19.10 22.68 14.40
C4 N2M G . -19.79 21.60 13.71
C5 N2M G . -21.77 20.29 13.31
C6 N2M G . -23.08 20.02 13.53
C7 N2M G . -23.79 20.80 14.44
C8 N2M G . -23.12 21.88 15.14
C9 N2M G . -21.76 22.18 14.91
C10 N2M G . -21.07 21.35 13.96
N N2M G . -20.84 19.30 12.14
S N2M H . 16.14 6.47 -33.07
O1S N2M H . 17.57 6.03 -32.13
O2S N2M H . 16.60 7.93 -33.89
O3S N2M H . 15.03 7.01 -31.81
C1 N2M H . 14.25 5.93 -34.93
C2 N2M H . 15.21 5.41 -34.14
C3 N2M H . 15.43 4.07 -34.21
C4 N2M H . 14.67 3.21 -35.09
C5 N2M H . 12.96 2.90 -36.76
C6 N2M H . 11.99 3.38 -37.57
C7 N2M H . 11.70 4.75 -37.55
C8 N2M H . 12.46 5.63 -36.67
C9 N2M H . 13.48 5.14 -35.81
C10 N2M H . 13.73 3.72 -35.88
N N2M H . 13.33 1.14 -36.76
#